data_6I3J
#
_entry.id   6I3J
#
_cell.length_a   134.382
_cell.length_b   203.846
_cell.length_c   226.744
_cell.angle_alpha   90.00
_cell.angle_beta   90.00
_cell.angle_gamma   90.00
#
_symmetry.space_group_name_H-M   'F 2 2 2'
#
loop_
_entity.id
_entity.type
_entity.pdbx_description
1 polymer 'Bilirubin oxidase'
2 branched alpha-D-mannopyranose-(1-3)-[alpha-D-mannopyranose-(1-6)]beta-D-mannopyranose-(1-4)-2-acetamido-2-deoxy-beta-D-glucopyranose-(1-4)-2-acetamido-2-deoxy-beta-D-glucopyranose
3 branched beta-D-mannopyranose-(1-4)-2-acetamido-2-deoxy-beta-D-glucopyranose-(1-4)-2-acetamido-2-deoxy-beta-D-glucopyranose
4 branched alpha-D-mannopyranose-(1-3)-beta-D-mannopyranose-(1-4)-2-acetamido-2-deoxy-beta-D-glucopyranose-(1-4)-2-acetamido-2-deoxy-beta-D-glucopyranose
5 branched 2-acetamido-2-deoxy-beta-D-glucopyranose-(1-4)-2-acetamido-2-deoxy-beta-D-glucopyranose
6 non-polymer 'COPPER (II) ION'
7 non-polymer HEXACYANOFERRATE(3-)
8 non-polymer 'SUCCINIC ACID'
9 non-polymer 'SODIUM ION'
10 non-polymer 'CHLORIDE ION'
11 non-polymer R-1,2-PROPANEDIOL
12 water water
#
_entity_poly.entity_id   1
_entity_poly.type   'polypeptide(L)'
_entity_poly.pdbx_seq_one_letter_code
;VAQISPQYPMFTVPLPIPPVKQPRLTVTNPVNGQEIWYYEVEIKPFTHQVYPDLGSADLVGYDGMSPGPTFQVPRGVETV
VRFINNAEAPNSVHLHGSFSRAAFDGWAEDITEPGSFKDYYYPNRQSARTLWYHDHAMHITAENAYRGQAGLYMLTDPAE
DALNLPSGYGEFDIPMILTSKQYTANGNLVTTNGELNSFWGDVIHVNGQPWPFKNVEPRKYRFRFLDAAVSRSFGLYFAD
TDAIDTRLPFKVIASDSGLLEHPADTSLLYISMAERYEVVFDFSDYAGKTIELRNLGGSIGGIGTDTDYDNTDKVMRFVV
ADDTTQPDTSVVPANLRDVPFPSPTTNTPRQFRFGRTGPTWTINGVAFADVQNRLLANVPVGTVERWELINAGNGWTHPI
HIHLVDFKVISRTSGNNARTVMPYESGLKDVVWLGRRETVVVEAHYAPFPGVYMFHCHNLIHEDHDMMAAFNATVLPDYG
YNATVFVDPMEELWQARPYELGEFQAQSGQFSVQAVTERIQTMAEYRPYAAADE
;
_entity_poly.pdbx_strand_id   A,B
#
loop_
_chem_comp.id
_chem_comp.type
_chem_comp.name
_chem_comp.formula
BMA D-saccharide, beta linking beta-D-mannopyranose 'C6 H12 O6'
CL non-polymer 'CHLORIDE ION' 'Cl -1'
CU non-polymer 'COPPER (II) ION' 'Cu 2'
FC6 non-polymer HEXACYANOFERRATE(3-) 'C6 Fe N6'
MAN D-saccharide, alpha linking alpha-D-mannopyranose 'C6 H12 O6'
NA non-polymer 'SODIUM ION' 'Na 1'
NAG D-saccharide, beta linking 2-acetamido-2-deoxy-beta-D-glucopyranose 'C8 H15 N O6'
PGR non-polymer R-1,2-PROPANEDIOL 'C3 H8 O2'
SIN non-polymer 'SUCCINIC ACID' 'C4 H6 O4'
#
# COMPACT_ATOMS: atom_id res chain seq x y z
N VAL A 1 -48.56 7.43 2.41
CA VAL A 1 -49.82 6.68 2.16
C VAL A 1 -49.95 5.59 3.25
N ALA A 2 -51.14 4.98 3.37
CA ALA A 2 -51.45 4.09 4.50
C ALA A 2 -50.46 2.93 4.52
N GLN A 3 -49.99 2.60 5.72
CA GLN A 3 -49.26 1.39 5.94
C GLN A 3 -50.16 0.21 5.56
N ILE A 4 -49.59 -0.75 4.81
CA ILE A 4 -50.28 -1.98 4.40
C ILE A 4 -49.97 -3.04 5.46
N SER A 5 -48.68 -3.20 5.80
CA SER A 5 -48.22 -4.14 6.85
C SER A 5 -49.03 -3.93 8.12
N PRO A 6 -49.34 -4.99 8.91
CA PRO A 6 -50.06 -4.81 10.16
C PRO A 6 -49.34 -3.79 11.07
N GLN A 7 -50.06 -3.23 12.05
CA GLN A 7 -49.52 -2.27 13.01
C GLN A 7 -48.44 -2.97 13.85
N TYR A 8 -47.34 -2.24 14.12
CA TYR A 8 -46.20 -2.76 14.83
C TYR A 8 -46.02 -2.04 16.17
N PRO A 9 -45.70 -2.74 17.29
CA PRO A 9 -45.33 -2.09 18.55
C PRO A 9 -44.00 -1.30 18.46
N MET A 10 -44.09 -0.08 17.92
CA MET A 10 -42.96 0.79 17.57
C MET A 10 -42.03 1.00 18.76
N PHE A 11 -40.74 0.78 18.54
CA PHE A 11 -39.65 1.20 19.46
C PHE A 11 -39.75 0.47 20.82
N THR A 12 -40.04 -0.83 20.81
CA THR A 12 -40.19 -1.61 22.02
C THR A 12 -39.20 -2.79 22.07
N VAL A 13 -38.46 -3.02 20.99
CA VAL A 13 -37.49 -4.11 20.91
C VAL A 13 -36.10 -3.48 20.79
N PRO A 14 -35.12 -3.90 21.60
CA PRO A 14 -33.75 -3.41 21.47
C PRO A 14 -33.11 -3.75 20.11
N LEU A 15 -32.34 -2.81 19.56
CA LEU A 15 -31.54 -3.03 18.36
C LEU A 15 -30.76 -4.33 18.52
N PRO A 16 -30.99 -5.37 17.71
CA PRO A 16 -30.12 -6.56 17.74
C PRO A 16 -28.77 -6.22 17.10
N ILE A 17 -27.69 -6.79 17.63
CA ILE A 17 -26.31 -6.69 17.10
C ILE A 17 -25.94 -8.05 16.52
N PRO A 18 -25.64 -8.13 15.20
CA PRO A 18 -25.25 -9.42 14.63
C PRO A 18 -23.99 -9.97 15.27
N PRO A 19 -23.95 -11.26 15.71
CA PRO A 19 -22.76 -11.84 16.32
C PRO A 19 -21.61 -11.86 15.30
N VAL A 20 -20.37 -11.79 15.80
CA VAL A 20 -19.16 -11.86 15.01
C VAL A 20 -19.02 -13.30 14.47
N LYS A 21 -18.67 -13.41 13.20
CA LYS A 21 -18.40 -14.69 12.56
C LYS A 21 -16.94 -15.09 12.83
N GLN A 22 -16.74 -16.31 13.34
CA GLN A 22 -15.44 -16.82 13.74
C GLN A 22 -14.97 -17.85 12.72
N PRO A 23 -13.70 -17.80 12.23
CA PRO A 23 -13.17 -18.86 11.39
C PRO A 23 -13.21 -20.20 12.12
N ARG A 24 -13.30 -21.31 11.37
CA ARG A 24 -13.29 -22.65 11.92
C ARG A 24 -11.85 -23.02 12.26
N LEU A 25 -10.88 -22.54 11.45
CA LEU A 25 -9.48 -22.91 11.63
C LEU A 25 -8.61 -22.11 10.64
N THR A 26 -7.29 -22.27 10.75
CA THR A 26 -6.37 -21.57 9.84
C THR A 26 -5.48 -22.59 9.11
N VAL A 27 -5.09 -22.21 7.91
CA VAL A 27 -4.31 -23.02 7.01
C VAL A 27 -3.06 -22.24 6.62
N THR A 28 -1.92 -22.91 6.71
CA THR A 28 -0.66 -22.34 6.32
C THR A 28 -0.61 -22.27 4.79
N ASN A 29 -0.40 -21.06 4.31
CA ASN A 29 -0.21 -20.81 2.90
C ASN A 29 1.21 -21.26 2.56
N PRO A 30 1.42 -22.30 1.73
CA PRO A 30 2.78 -22.75 1.41
C PRO A 30 3.61 -21.78 0.55
N VAL A 31 3.02 -20.67 0.08
CA VAL A 31 3.70 -19.71 -0.78
C VAL A 31 4.45 -18.69 0.07
N ASN A 32 3.83 -18.20 1.15
CA ASN A 32 4.36 -17.05 1.91
C ASN A 32 4.52 -17.39 3.41
N GLY A 33 4.21 -18.64 3.78
CA GLY A 33 4.29 -19.12 5.17
C GLY A 33 3.15 -18.64 6.08
N GLN A 34 2.20 -17.85 5.56
CA GLN A 34 1.25 -17.11 6.43
C GLN A 34 -0.05 -17.90 6.61
N GLU A 35 -0.74 -17.65 7.74
CA GLU A 35 -2.04 -18.28 8.05
C GLU A 35 -3.17 -17.61 7.24
N ILE A 36 -3.93 -18.46 6.52
CA ILE A 36 -5.23 -18.13 5.93
C ILE A 36 -6.34 -18.56 6.89
N TRP A 37 -7.21 -17.61 7.24
CA TRP A 37 -8.44 -17.87 8.01
C TRP A 37 -9.50 -18.52 7.10
N TYR A 38 -9.94 -19.71 7.51
CA TYR A 38 -10.95 -20.47 6.79
C TYR A 38 -12.26 -20.45 7.60
N TYR A 39 -13.35 -20.12 6.89
CA TYR A 39 -14.65 -20.06 7.48
C TYR A 39 -15.60 -20.96 6.72
N GLU A 40 -16.67 -21.39 7.41
CA GLU A 40 -17.79 -22.10 6.79
C GLU A 40 -19.09 -21.38 7.16
N VAL A 41 -19.83 -20.95 6.13
CA VAL A 41 -21.14 -20.31 6.27
C VAL A 41 -22.16 -21.20 5.55
N GLU A 42 -23.26 -21.51 6.23
CA GLU A 42 -24.31 -22.39 5.73
C GLU A 42 -25.57 -21.56 5.48
N ILE A 43 -25.99 -21.52 4.20
CA ILE A 43 -27.18 -20.78 3.81
C ILE A 43 -28.36 -21.70 4.07
N LYS A 44 -29.34 -21.25 4.86
CA LYS A 44 -30.42 -22.16 5.18
C LYS A 44 -31.65 -21.43 5.73
N PRO A 45 -32.83 -22.06 5.56
CA PRO A 45 -34.09 -21.46 5.97
C PRO A 45 -34.27 -21.47 7.49
N PHE A 46 -35.10 -20.53 7.97
CA PHE A 46 -35.45 -20.38 9.37
C PHE A 46 -36.71 -19.49 9.45
N THR A 47 -37.18 -19.30 10.68
CA THR A 47 -38.33 -18.45 10.95
C THR A 47 -37.95 -17.43 12.03
N HIS A 48 -38.62 -16.27 12.01
CA HIS A 48 -38.44 -15.26 13.00
C HIS A 48 -39.80 -14.67 13.39
N GLN A 49 -40.13 -14.64 14.68
CA GLN A 49 -41.27 -13.91 15.17
C GLN A 49 -40.92 -12.42 15.03
N VAL A 50 -41.47 -11.75 14.01
CA VAL A 50 -41.19 -10.33 13.77
C VAL A 50 -42.25 -9.51 14.50
N TYR A 51 -43.50 -9.89 14.29
CA TYR A 51 -44.59 -9.35 15.03
C TYR A 51 -44.86 -10.29 16.20
N PRO A 52 -44.86 -9.82 17.48
CA PRO A 52 -45.08 -10.69 18.63
C PRO A 52 -46.43 -11.43 18.72
N ASP A 53 -47.49 -10.88 18.14
CA ASP A 53 -48.86 -11.39 18.32
C ASP A 53 -49.36 -12.18 17.10
N LEU A 54 -48.51 -12.41 16.09
CA LEU A 54 -48.95 -13.03 14.81
C LEU A 54 -48.06 -14.23 14.50
N GLY A 55 -48.26 -14.82 13.31
CA GLY A 55 -47.40 -15.87 12.82
C GLY A 55 -45.98 -15.37 12.58
N SER A 56 -45.17 -16.25 11.98
CA SER A 56 -43.75 -16.05 11.78
C SER A 56 -43.45 -15.74 10.31
N ALA A 57 -42.24 -15.20 10.07
CA ALA A 57 -41.71 -14.90 8.73
C ALA A 57 -40.71 -15.97 8.27
N ASP A 58 -40.83 -16.38 7.00
CA ASP A 58 -39.91 -17.32 6.39
C ASP A 58 -38.71 -16.55 5.80
N LEU A 59 -37.52 -16.83 6.33
CA LEU A 59 -36.28 -16.25 5.86
C LEU A 59 -35.31 -17.36 5.42
N VAL A 60 -34.27 -16.96 4.71
CA VAL A 60 -33.12 -17.80 4.36
C VAL A 60 -31.90 -16.91 4.44
N GLY A 61 -30.91 -17.34 5.22
CA GLY A 61 -29.83 -16.47 5.64
C GLY A 61 -28.57 -17.23 5.91
N TYR A 62 -27.46 -16.48 5.90
CA TYR A 62 -26.19 -16.99 6.24
C TYR A 62 -26.23 -17.46 7.69
N ASP A 63 -25.79 -18.70 7.94
CA ASP A 63 -25.87 -19.38 9.25
C ASP A 63 -27.27 -19.23 9.88
N GLY A 64 -28.30 -19.26 9.03
CA GLY A 64 -29.66 -19.24 9.50
C GLY A 64 -29.98 -18.09 10.45
N MET A 65 -29.39 -16.93 10.18
CA MET A 65 -29.80 -15.69 10.82
C MET A 65 -29.83 -14.57 9.78
N SER A 66 -30.48 -13.46 10.15
CA SER A 66 -30.59 -12.25 9.33
C SER A 66 -30.62 -11.02 10.25
N PRO A 67 -29.65 -10.10 10.07
CA PRO A 67 -28.66 -10.16 9.00
C PRO A 67 -27.62 -11.27 9.25
N GLY A 68 -26.74 -11.49 8.28
CA GLY A 68 -25.67 -12.45 8.38
C GLY A 68 -24.74 -12.09 9.54
N PRO A 69 -23.95 -13.06 10.07
CA PRO A 69 -22.94 -12.74 11.09
C PRO A 69 -21.95 -11.73 10.51
N THR A 70 -21.35 -10.92 11.38
CA THR A 70 -20.42 -9.88 10.96
C THR A 70 -19.01 -10.46 10.93
N PHE A 71 -18.34 -10.29 9.79
CA PHE A 71 -16.94 -10.68 9.69
C PHE A 71 -16.08 -9.52 10.21
N GLN A 72 -14.91 -9.86 10.76
CA GLN A 72 -14.02 -8.89 11.36
C GLN A 72 -12.60 -9.35 11.03
N VAL A 73 -11.98 -8.75 10.01
CA VAL A 73 -10.81 -9.31 9.36
C VAL A 73 -9.74 -8.22 9.25
N PRO A 74 -8.54 -8.37 9.84
CA PRO A 74 -7.49 -7.35 9.71
C PRO A 74 -6.82 -7.36 8.34
N ARG A 75 -6.59 -6.18 7.77
CA ARG A 75 -5.81 -6.08 6.56
C ARG A 75 -4.59 -6.96 6.71
N GLY A 76 -4.19 -7.61 5.61
CA GLY A 76 -3.02 -8.46 5.64
C GLY A 76 -3.41 -9.93 5.67
N VAL A 77 -4.46 -10.28 6.42
CA VAL A 77 -4.90 -11.67 6.50
C VAL A 77 -5.82 -12.01 5.32
N GLU A 78 -5.40 -13.00 4.52
CA GLU A 78 -6.25 -13.66 3.52
C GLU A 78 -7.25 -14.57 4.23
N THR A 79 -8.48 -14.61 3.68
CA THR A 79 -9.57 -15.45 4.15
C THR A 79 -10.07 -16.33 2.99
N VAL A 80 -10.58 -17.53 3.34
CA VAL A 80 -11.36 -18.39 2.46
C VAL A 80 -12.68 -18.68 3.17
N VAL A 81 -13.80 -18.33 2.53
CA VAL A 81 -15.11 -18.65 3.06
C VAL A 81 -15.73 -19.71 2.15
N ARG A 82 -16.07 -20.86 2.75
CA ARG A 82 -16.87 -21.90 2.11
C ARG A 82 -18.35 -21.58 2.38
N PHE A 83 -19.04 -21.12 1.34
CA PHE A 83 -20.46 -20.87 1.43
C PHE A 83 -21.17 -22.12 0.90
N ILE A 84 -21.89 -22.76 1.82
CA ILE A 84 -22.55 -24.02 1.65
C ILE A 84 -24.04 -23.74 1.51
N ASN A 85 -24.60 -24.04 0.34
CA ASN A 85 -26.02 -23.89 0.07
C ASN A 85 -26.77 -25.13 0.58
N ASN A 86 -27.60 -24.93 1.61
CA ASN A 86 -28.52 -25.92 2.14
C ASN A 86 -29.92 -25.29 2.16
N ALA A 87 -30.23 -24.59 1.07
CA ALA A 87 -31.52 -23.90 0.90
C ALA A 87 -32.31 -24.50 -0.28
N GLU A 88 -33.35 -23.82 -0.78
N GLU A 88 -33.31 -23.73 -0.75
CA GLU A 88 -34.19 -24.37 -1.87
CA GLU A 88 -34.34 -24.13 -1.72
C GLU A 88 -33.96 -23.59 -3.17
C GLU A 88 -34.06 -23.46 -3.08
N ALA A 89 -32.98 -22.67 -3.17
CA ALA A 89 -32.67 -21.82 -4.35
C ALA A 89 -31.16 -21.62 -4.45
N PRO A 90 -30.61 -21.38 -5.66
CA PRO A 90 -29.17 -21.13 -5.82
C PRO A 90 -28.73 -19.78 -5.25
N ASN A 91 -27.42 -19.66 -5.02
CA ASN A 91 -26.80 -18.44 -4.50
C ASN A 91 -25.56 -18.09 -5.33
N SER A 92 -25.16 -16.82 -5.24
CA SER A 92 -23.88 -16.35 -5.70
C SER A 92 -23.45 -15.22 -4.77
N VAL A 93 -22.36 -15.39 -4.04
CA VAL A 93 -22.01 -14.40 -3.03
C VAL A 93 -21.00 -13.40 -3.59
N HIS A 94 -21.34 -12.12 -3.37
CA HIS A 94 -20.49 -11.01 -3.69
C HIS A 94 -20.06 -10.30 -2.41
N LEU A 95 -18.75 -10.28 -2.16
CA LEU A 95 -18.19 -9.37 -1.15
C LEU A 95 -18.02 -7.96 -1.75
N HIS A 96 -18.98 -7.07 -1.43
CA HIS A 96 -19.12 -5.71 -1.98
C HIS A 96 -18.07 -4.80 -1.34
N GLY A 97 -17.21 -4.24 -2.21
CA GLY A 97 -16.13 -3.35 -1.78
C GLY A 97 -14.79 -4.05 -1.65
N SER A 98 -14.69 -5.29 -2.17
CA SER A 98 -13.43 -6.05 -2.19
C SER A 98 -13.02 -6.24 -3.64
N PHE A 99 -11.72 -6.08 -3.94
CA PHE A 99 -11.23 -6.25 -5.30
C PHE A 99 -10.86 -7.72 -5.52
N SER A 100 -11.84 -8.57 -5.25
CA SER A 100 -11.73 -10.03 -5.39
C SER A 100 -11.44 -10.37 -6.85
N ARG A 101 -10.83 -11.54 -7.10
CA ARG A 101 -10.66 -12.01 -8.48
C ARG A 101 -12.04 -12.33 -9.05
N ALA A 102 -12.17 -12.30 -10.38
CA ALA A 102 -13.47 -12.39 -11.07
C ALA A 102 -14.28 -13.61 -10.59
N ALA A 103 -13.59 -14.72 -10.29
CA ALA A 103 -14.26 -15.98 -9.93
C ALA A 103 -14.66 -16.03 -8.43
N PHE A 104 -14.30 -15.00 -7.67
CA PHE A 104 -14.59 -14.93 -6.23
C PHE A 104 -15.35 -13.65 -5.91
N ASP A 105 -15.93 -13.02 -6.94
CA ASP A 105 -16.51 -11.68 -6.83
C ASP A 105 -18.04 -11.72 -6.87
N GLY A 106 -18.62 -12.91 -7.10
CA GLY A 106 -20.08 -13.10 -7.01
C GLY A 106 -20.78 -12.81 -8.33
N TRP A 107 -20.06 -13.07 -9.43
CA TRP A 107 -20.62 -13.03 -10.79
C TRP A 107 -22.00 -13.70 -10.78
N ALA A 108 -22.96 -13.07 -11.46
CA ALA A 108 -24.38 -13.43 -11.30
C ALA A 108 -24.65 -14.85 -11.82
N GLU A 109 -23.96 -15.26 -12.89
CA GLU A 109 -24.11 -16.59 -13.48
C GLU A 109 -23.31 -17.65 -12.71
N ASP A 110 -22.46 -17.21 -11.76
CA ASP A 110 -21.54 -18.10 -11.03
C ASP A 110 -22.22 -18.56 -9.75
N ILE A 111 -23.19 -19.45 -9.91
CA ILE A 111 -24.10 -19.84 -8.87
C ILE A 111 -23.64 -21.15 -8.25
N THR A 112 -24.04 -21.31 -6.99
CA THR A 112 -23.97 -22.55 -6.23
C THR A 112 -25.39 -23.07 -6.04
N GLU A 113 -25.70 -24.27 -6.53
CA GLU A 113 -27.05 -24.83 -6.35
C GLU A 113 -27.15 -25.40 -4.94
N PRO A 114 -28.36 -25.60 -4.37
CA PRO A 114 -28.49 -26.39 -3.13
C PRO A 114 -27.86 -27.77 -3.25
N GLY A 115 -27.16 -28.19 -2.19
CA GLY A 115 -26.38 -29.44 -2.16
C GLY A 115 -24.95 -29.24 -2.66
N SER A 116 -24.61 -27.99 -2.99
CA SER A 116 -23.24 -27.62 -3.37
C SER A 116 -22.71 -26.51 -2.45
N PHE A 117 -21.38 -26.31 -2.52
CA PHE A 117 -20.66 -25.23 -1.82
C PHE A 117 -19.63 -24.61 -2.78
N LYS A 118 -19.14 -23.41 -2.46
CA LYS A 118 -18.04 -22.80 -3.20
C LYS A 118 -17.08 -22.14 -2.21
N ASP A 119 -15.79 -22.22 -2.55
CA ASP A 119 -14.72 -21.65 -1.77
C ASP A 119 -14.40 -20.26 -2.36
N TYR A 120 -14.67 -19.22 -1.57
CA TYR A 120 -14.35 -17.86 -1.89
C TYR A 120 -13.05 -17.43 -1.18
N TYR A 121 -12.07 -17.03 -1.99
CA TYR A 121 -10.74 -16.64 -1.58
C TYR A 121 -10.60 -15.12 -1.73
N TYR A 122 -10.45 -14.42 -0.58
CA TYR A 122 -10.49 -12.97 -0.49
C TYR A 122 -9.13 -12.39 -0.04
N PRO A 123 -8.73 -11.22 -0.59
CA PRO A 123 -7.42 -10.62 -0.31
C PRO A 123 -7.29 -9.77 0.96
N ASN A 124 -8.31 -9.00 1.32
CA ASN A 124 -8.30 -8.14 2.52
C ASN A 124 -7.01 -7.26 2.58
N ARG A 125 -6.61 -6.69 1.44
CA ARG A 125 -5.47 -5.81 1.29
C ARG A 125 -5.89 -4.33 1.17
N GLN A 126 -7.17 -4.05 0.94
CA GLN A 126 -7.60 -2.68 0.60
C GLN A 126 -7.65 -1.84 1.87
N SER A 127 -7.89 -0.52 1.71
CA SER A 127 -8.12 0.39 2.83
C SER A 127 -9.23 -0.18 3.72
N ALA A 128 -9.05 -0.04 5.04
CA ALA A 128 -10.07 -0.35 6.01
C ALA A 128 -11.35 0.36 5.61
N ARG A 129 -12.46 -0.38 5.69
CA ARG A 129 -13.76 0.04 5.15
C ARG A 129 -14.81 -0.92 5.71
N THR A 130 -16.09 -0.57 5.56
CA THR A 130 -17.22 -1.45 5.84
C THR A 130 -17.65 -2.07 4.50
N LEU A 131 -17.26 -3.35 4.28
CA LEU A 131 -17.76 -4.17 3.22
C LEU A 131 -19.09 -4.80 3.68
N TRP A 132 -19.78 -5.42 2.73
CA TRP A 132 -20.90 -6.27 3.07
C TRP A 132 -20.91 -7.40 2.04
N TYR A 133 -21.41 -8.57 2.46
CA TYR A 133 -21.47 -9.77 1.62
C TYR A 133 -22.95 -10.07 1.43
N HIS A 134 -23.34 -10.34 0.20
CA HIS A 134 -24.75 -10.51 -0.11
C HIS A 134 -24.89 -11.28 -1.41
N ASP A 135 -26.10 -11.78 -1.64
CA ASP A 135 -26.39 -12.61 -2.77
C ASP A 135 -26.42 -11.77 -4.06
N HIS A 136 -26.09 -12.43 -5.17
CA HIS A 136 -25.93 -11.75 -6.43
C HIS A 136 -26.34 -12.66 -7.60
N ALA A 137 -27.10 -13.72 -7.30
CA ALA A 137 -27.45 -14.74 -8.30
C ALA A 137 -28.42 -14.13 -9.31
N MET A 138 -28.22 -14.47 -10.60
CA MET A 138 -29.03 -14.02 -11.76
C MET A 138 -30.54 -14.05 -11.50
N HIS A 139 -31.20 -12.91 -11.71
N HIS A 139 -31.17 -12.89 -11.66
CA HIS A 139 -32.66 -12.80 -11.77
CA HIS A 139 -32.63 -12.73 -11.75
C HIS A 139 -33.32 -12.91 -10.38
C HIS A 139 -33.34 -13.11 -10.44
N ILE A 140 -32.59 -13.42 -9.38
CA ILE A 140 -33.22 -13.76 -8.09
C ILE A 140 -32.50 -13.06 -6.93
N THR A 141 -31.72 -12.02 -7.24
CA THR A 141 -30.90 -11.30 -6.26
C THR A 141 -31.82 -10.59 -5.25
N ALA A 142 -32.90 -10.01 -5.73
CA ALA A 142 -33.79 -9.21 -4.92
C ALA A 142 -34.41 -10.07 -3.82
N GLU A 143 -34.92 -11.24 -4.17
CA GLU A 143 -35.62 -12.06 -3.23
C GLU A 143 -34.63 -12.69 -2.26
N ASN A 144 -33.42 -13.02 -2.74
CA ASN A 144 -32.44 -13.68 -1.89
C ASN A 144 -31.96 -12.69 -0.82
N ALA A 145 -31.72 -11.44 -1.23
CA ALA A 145 -31.31 -10.41 -0.29
C ALA A 145 -32.46 -10.09 0.67
N TYR A 146 -33.67 -9.91 0.13
CA TYR A 146 -34.87 -9.61 0.90
C TYR A 146 -35.13 -10.67 1.99
N ARG A 147 -34.86 -11.95 1.70
CA ARG A 147 -35.22 -13.02 2.62
C ARG A 147 -34.11 -13.30 3.64
N GLY A 148 -32.94 -12.64 3.49
CA GLY A 148 -31.94 -12.51 4.59
C GLY A 148 -30.47 -12.70 4.20
N GLN A 149 -30.12 -12.83 2.92
CA GLN A 149 -28.72 -13.06 2.52
C GLN A 149 -27.99 -11.73 2.31
N ALA A 150 -27.79 -11.00 3.41
CA ALA A 150 -26.85 -9.88 3.43
C ALA A 150 -26.18 -9.84 4.81
N GLY A 151 -24.89 -9.44 4.84
CA GLY A 151 -24.19 -9.32 6.12
C GLY A 151 -23.01 -8.37 6.04
N LEU A 152 -22.53 -7.93 7.20
CA LEU A 152 -21.38 -7.03 7.32
C LEU A 152 -20.05 -7.79 7.35
N TYR A 153 -19.05 -7.12 6.78
CA TYR A 153 -17.67 -7.60 6.72
C TYR A 153 -16.75 -6.39 6.95
N MET A 154 -16.20 -6.30 8.17
CA MET A 154 -15.37 -5.19 8.60
C MET A 154 -13.90 -5.52 8.30
N LEU A 155 -13.26 -4.69 7.46
CA LEU A 155 -11.83 -4.78 7.22
C LEU A 155 -11.15 -3.68 8.04
N THR A 156 -10.29 -4.11 8.98
CA THR A 156 -9.67 -3.27 10.04
C THR A 156 -8.19 -3.03 9.74
N ASP A 157 -7.64 -1.96 10.33
CA ASP A 157 -6.26 -1.47 10.11
C ASP A 157 -5.74 -0.91 11.44
N PRO A 158 -4.66 -1.45 12.07
CA PRO A 158 -4.13 -0.87 13.30
C PRO A 158 -3.84 0.63 13.18
N ALA A 159 -3.37 1.05 11.99
CA ALA A 159 -3.06 2.45 11.67
C ALA A 159 -4.28 3.35 11.90
N GLU A 160 -5.48 2.84 11.60
CA GLU A 160 -6.71 3.61 11.77
C GLU A 160 -7.15 3.58 13.24
N ASP A 161 -6.69 2.58 14.01
CA ASP A 161 -7.08 2.42 15.40
C ASP A 161 -6.44 3.55 16.23
N ALA A 162 -5.27 4.04 15.79
CA ALA A 162 -4.54 5.18 16.39
C ALA A 162 -5.33 6.50 16.32
N LEU A 163 -6.39 6.58 15.51
CA LEU A 163 -7.18 7.80 15.39
C LEU A 163 -8.10 7.95 16.60
N ASN A 164 -8.29 6.85 17.33
CA ASN A 164 -8.98 6.82 18.61
C ASN A 164 -10.45 7.23 18.39
N LEU A 165 -11.08 6.68 17.35
CA LEU A 165 -12.51 6.94 17.09
C LEU A 165 -13.34 6.08 18.04
N PRO A 166 -14.62 6.39 18.33
CA PRO A 166 -15.44 5.54 19.18
C PRO A 166 -15.32 4.07 18.72
N SER A 167 -15.19 3.14 19.67
CA SER A 167 -14.74 1.82 19.29
C SER A 167 -15.53 0.73 20.03
N GLY A 168 -15.29 -0.50 19.57
CA GLY A 168 -15.87 -1.71 20.13
C GLY A 168 -17.17 -2.10 19.43
N TYR A 169 -17.10 -3.16 18.61
CA TYR A 169 -18.28 -3.73 17.97
C TYR A 169 -19.35 -4.09 19.03
N GLY A 170 -20.48 -3.40 18.93
CA GLY A 170 -21.58 -3.59 19.83
C GLY A 170 -21.49 -2.67 21.03
N GLU A 171 -20.33 -2.01 21.21
CA GLU A 171 -20.11 -1.16 22.36
C GLU A 171 -20.41 0.29 21.97
N PHE A 172 -19.42 0.97 21.34
CA PHE A 172 -19.57 2.35 20.80
C PHE A 172 -19.29 2.39 19.29
N ASP A 173 -19.22 1.20 18.66
CA ASP A 173 -19.14 0.99 17.20
C ASP A 173 -20.28 0.05 16.81
N ILE A 174 -21.38 0.65 16.35
CA ILE A 174 -22.65 -0.04 16.17
C ILE A 174 -22.97 -0.14 14.68
N PRO A 175 -23.16 -1.38 14.16
CA PRO A 175 -23.67 -1.56 12.80
C PRO A 175 -25.12 -1.11 12.67
N MET A 176 -25.42 -0.49 11.53
CA MET A 176 -26.74 0.06 11.25
C MET A 176 -27.18 -0.35 9.83
N ILE A 177 -27.56 -1.63 9.68
CA ILE A 177 -28.02 -2.20 8.43
C ILE A 177 -29.51 -1.90 8.24
N LEU A 178 -29.81 -1.04 7.25
CA LEU A 178 -31.17 -0.58 7.02
C LEU A 178 -31.84 -1.47 5.97
N THR A 179 -33.08 -1.85 6.23
CA THR A 179 -33.86 -2.49 5.20
C THR A 179 -35.30 -2.00 5.32
N SER A 180 -36.05 -2.18 4.21
CA SER A 180 -37.43 -1.79 4.07
C SER A 180 -38.17 -2.94 3.37
N LYS A 181 -39.14 -3.51 4.08
CA LYS A 181 -39.90 -4.68 3.63
C LYS A 181 -41.39 -4.51 3.93
N GLN A 182 -42.18 -5.50 3.52
CA GLN A 182 -43.62 -5.51 3.77
C GLN A 182 -44.04 -6.88 4.34
N TYR A 183 -45.11 -6.87 5.15
CA TYR A 183 -45.58 -8.06 5.86
C TYR A 183 -47.06 -8.30 5.55
N THR A 184 -47.43 -9.57 5.45
CA THR A 184 -48.80 -10.03 5.35
C THR A 184 -49.48 -9.79 6.71
N ALA A 185 -50.80 -10.01 6.75
CA ALA A 185 -51.62 -9.80 7.95
C ALA A 185 -51.23 -10.79 9.04
N ASN A 186 -50.54 -11.88 8.70
CA ASN A 186 -50.13 -12.89 9.70
C ASN A 186 -48.60 -12.81 9.95
N GLY A 187 -48.00 -11.67 9.60
CA GLY A 187 -46.64 -11.36 10.01
C GLY A 187 -45.57 -12.11 9.23
N ASN A 188 -45.94 -12.74 8.12
CA ASN A 188 -44.97 -13.36 7.22
C ASN A 188 -44.53 -12.24 6.28
N LEU A 189 -43.47 -12.47 5.48
CA LEU A 189 -43.05 -11.45 4.48
C LEU A 189 -43.90 -11.58 3.20
N VAL A 190 -44.23 -10.42 2.63
CA VAL A 190 -44.75 -10.30 1.29
C VAL A 190 -43.58 -10.44 0.32
N THR A 191 -43.66 -11.42 -0.60
CA THR A 191 -42.53 -11.74 -1.51
C THR A 191 -42.25 -10.56 -2.45
N THR A 192 -40.99 -10.44 -2.90
CA THR A 192 -40.64 -9.55 -4.00
C THR A 192 -40.93 -10.21 -5.36
N ASN A 193 -41.06 -11.55 -5.41
CA ASN A 193 -41.26 -12.30 -6.67
C ASN A 193 -42.41 -11.65 -7.45
N GLY A 194 -42.11 -11.26 -8.70
CA GLY A 194 -43.10 -10.69 -9.62
C GLY A 194 -43.02 -9.17 -9.79
N GLU A 195 -42.50 -8.47 -8.77
CA GLU A 195 -42.33 -7.03 -8.84
C GLU A 195 -41.33 -6.67 -9.94
N LEU A 196 -41.70 -5.74 -10.83
CA LEU A 196 -40.80 -5.31 -11.91
C LEU A 196 -40.43 -3.82 -11.84
N ASN A 197 -41.18 -3.01 -11.08
CA ASN A 197 -40.95 -1.57 -11.02
C ASN A 197 -39.94 -1.29 -9.89
N SER A 198 -40.36 -1.55 -8.63
CA SER A 198 -39.58 -1.26 -7.40
C SER A 198 -40.38 -1.77 -6.19
N PHE A 199 -39.67 -2.30 -5.19
CA PHE A 199 -40.29 -2.83 -4.00
C PHE A 199 -39.87 -1.95 -2.81
N TRP A 200 -40.73 -0.99 -2.47
CA TRP A 200 -40.41 0.06 -1.51
C TRP A 200 -40.37 -0.53 -0.07
N GLY A 201 -41.43 -1.25 0.30
CA GLY A 201 -41.68 -1.68 1.68
C GLY A 201 -42.11 -0.51 2.56
N ASP A 202 -42.98 -0.82 3.52
CA ASP A 202 -43.55 0.16 4.42
C ASP A 202 -43.10 -0.08 5.86
N VAL A 203 -42.21 -1.06 6.09
CA VAL A 203 -41.65 -1.33 7.43
C VAL A 203 -40.13 -1.17 7.42
N ILE A 204 -39.64 -0.22 8.24
CA ILE A 204 -38.22 0.12 8.27
C ILE A 204 -37.56 -0.72 9.36
N HIS A 205 -36.43 -1.34 9.01
CA HIS A 205 -35.71 -2.24 9.87
C HIS A 205 -34.29 -1.69 10.07
N VAL A 206 -33.77 -1.91 11.29
CA VAL A 206 -32.36 -1.79 11.52
C VAL A 206 -31.89 -3.15 12.03
N ASN A 207 -30.82 -3.69 11.40
CA ASN A 207 -30.21 -4.99 11.72
C ASN A 207 -31.27 -6.10 11.88
N GLY A 208 -32.27 -6.13 10.99
CA GLY A 208 -33.28 -7.20 10.95
C GLY A 208 -34.54 -6.89 11.75
N GLN A 209 -34.53 -5.85 12.59
CA GLN A 209 -35.59 -5.58 13.58
C GLN A 209 -36.40 -4.33 13.21
N PRO A 210 -37.73 -4.47 12.95
CA PRO A 210 -38.59 -3.31 12.74
C PRO A 210 -38.46 -2.32 13.90
N TRP A 211 -38.30 -1.05 13.55
CA TRP A 211 -38.43 0.11 14.45
C TRP A 211 -37.99 -0.18 15.88
N PRO A 212 -36.67 -0.44 16.12
CA PRO A 212 -36.17 -0.72 17.47
C PRO A 212 -35.79 0.55 18.24
N PHE A 213 -35.34 0.35 19.47
CA PHE A 213 -34.70 1.39 20.32
C PHE A 213 -33.29 0.91 20.71
N LYS A 214 -32.45 1.85 21.14
CA LYS A 214 -31.22 1.48 21.84
C LYS A 214 -30.97 2.48 22.97
N ASN A 215 -30.70 1.93 24.17
CA ASN A 215 -30.19 2.68 25.33
C ASN A 215 -28.74 3.08 25.05
N VAL A 216 -28.46 4.38 24.99
CA VAL A 216 -27.09 4.86 24.72
C VAL A 216 -26.67 5.81 25.85
N GLU A 217 -25.35 5.98 25.99
CA GLU A 217 -24.82 6.89 26.97
C GLU A 217 -24.55 8.24 26.32
N PRO A 218 -24.61 9.36 27.07
CA PRO A 218 -24.33 10.67 26.50
C PRO A 218 -22.85 10.87 26.15
N ARG A 219 -22.41 10.22 25.07
CA ARG A 219 -21.08 10.30 24.55
C ARG A 219 -21.13 9.98 23.04
N LYS A 220 -19.96 9.80 22.42
CA LYS A 220 -19.84 9.67 20.99
C LYS A 220 -19.90 8.18 20.60
N TYR A 221 -20.62 7.90 19.51
CA TYR A 221 -20.75 6.58 18.95
C TYR A 221 -20.43 6.63 17.46
N ARG A 222 -19.90 5.52 16.97
CA ARG A 222 -19.63 5.27 15.55
C ARG A 222 -20.77 4.41 15.00
N PHE A 223 -21.47 4.92 13.98
CA PHE A 223 -22.57 4.22 13.35
C PHE A 223 -22.13 3.78 11.93
N ARG A 224 -22.18 2.48 11.63
CA ARG A 224 -21.87 2.01 10.27
C ARG A 224 -23.19 1.80 9.52
N PHE A 225 -23.55 2.76 8.67
CA PHE A 225 -24.80 2.74 7.94
C PHE A 225 -24.60 1.93 6.65
N LEU A 226 -25.49 0.94 6.44
CA LEU A 226 -25.59 0.20 5.19
C LEU A 226 -27.04 0.26 4.74
N ASP A 227 -27.27 0.66 3.49
CA ASP A 227 -28.59 0.51 2.87
C ASP A 227 -28.64 -0.85 2.18
N ALA A 228 -29.22 -1.84 2.89
CA ALA A 228 -29.38 -3.20 2.40
C ALA A 228 -30.80 -3.41 1.86
N ALA A 229 -31.59 -2.35 1.70
CA ALA A 229 -32.96 -2.47 1.15
C ALA A 229 -32.93 -2.99 -0.30
N VAL A 230 -34.07 -3.52 -0.72
CA VAL A 230 -34.24 -3.94 -2.10
C VAL A 230 -34.30 -2.67 -2.97
N SER A 231 -35.12 -1.67 -2.59
CA SER A 231 -35.36 -0.48 -3.45
C SER A 231 -35.40 0.87 -2.68
N ARG A 232 -35.36 0.87 -1.35
CA ARG A 232 -35.64 2.15 -0.62
C ARG A 232 -34.33 2.90 -0.40
N SER A 233 -34.30 4.14 -0.90
CA SER A 233 -33.28 5.13 -0.60
C SER A 233 -33.75 5.95 0.61
N PHE A 234 -32.78 6.45 1.40
CA PHE A 234 -33.06 7.20 2.65
C PHE A 234 -32.44 8.60 2.60
N GLY A 235 -33.09 9.51 3.32
CA GLY A 235 -32.50 10.78 3.70
C GLY A 235 -32.50 10.89 5.21
N LEU A 236 -31.36 10.56 5.83
CA LEU A 236 -31.27 10.27 7.29
C LEU A 236 -30.92 11.55 8.06
N TYR A 237 -31.59 11.74 9.20
CA TYR A 237 -31.34 12.83 10.11
C TYR A 237 -31.79 12.40 11.51
N PHE A 238 -31.24 13.09 12.51
CA PHE A 238 -31.45 12.84 13.92
C PHE A 238 -32.21 14.02 14.52
N ALA A 239 -33.15 13.72 15.43
CA ALA A 239 -33.97 14.75 16.01
C ALA A 239 -34.42 14.35 17.41
N ASP A 240 -34.31 15.32 18.35
CA ASP A 240 -34.91 15.21 19.68
C ASP A 240 -36.42 15.01 19.52
N THR A 241 -37.00 14.08 20.28
CA THR A 241 -38.47 13.91 20.28
C THR A 241 -39.17 15.21 20.71
N ASP A 242 -38.49 16.07 21.47
CA ASP A 242 -38.99 17.42 21.82
C ASP A 242 -39.07 18.34 20.59
N ALA A 243 -38.16 18.18 19.63
CA ALA A 243 -38.12 19.03 18.42
C ALA A 243 -37.83 18.16 17.19
N ILE A 244 -38.86 17.39 16.79
CA ILE A 244 -38.83 16.22 15.88
C ILE A 244 -38.47 16.63 14.43
N ASP A 245 -38.56 17.92 14.10
CA ASP A 245 -38.25 18.47 12.77
C ASP A 245 -36.87 19.15 12.75
N THR A 246 -36.26 19.36 13.93
CA THR A 246 -34.98 20.07 14.07
C THR A 246 -33.80 19.07 14.04
N ARG A 247 -33.00 19.17 12.97
CA ARG A 247 -31.98 18.20 12.62
C ARG A 247 -30.73 18.45 13.46
N LEU A 248 -30.22 17.39 14.11
CA LEU A 248 -29.05 17.50 14.97
C LEU A 248 -27.81 17.23 14.12
N PRO A 249 -26.75 18.05 14.29
CA PRO A 249 -25.53 17.88 13.49
C PRO A 249 -24.75 16.63 13.92
N PHE A 250 -23.97 16.10 12.97
CA PHE A 250 -23.13 14.93 13.15
C PHE A 250 -21.99 14.99 12.14
N LYS A 251 -21.12 13.99 12.16
CA LYS A 251 -19.96 13.93 11.28
C LYS A 251 -19.96 12.64 10.48
N VAL A 252 -19.72 12.75 9.17
CA VAL A 252 -19.50 11.59 8.30
C VAL A 252 -17.99 11.41 8.18
N ILE A 253 -17.49 10.24 8.58
CA ILE A 253 -16.05 9.97 8.67
C ILE A 253 -15.62 9.01 7.54
N ALA A 254 -16.56 8.20 7.03
CA ALA A 254 -16.20 7.20 5.99
C ALA A 254 -17.32 7.04 4.96
N SER A 255 -16.87 6.79 3.72
CA SER A 255 -17.71 6.35 2.61
C SER A 255 -17.43 4.87 2.30
N ASP A 256 -18.02 4.36 1.21
CA ASP A 256 -17.91 2.97 0.79
C ASP A 256 -16.47 2.42 0.91
N SER A 257 -15.46 3.17 0.44
CA SER A 257 -14.10 2.65 0.26
C SER A 257 -13.22 2.96 1.47
N GLY A 258 -13.78 3.59 2.51
CA GLY A 258 -13.02 3.98 3.73
C GLY A 258 -13.19 5.43 4.16
N LEU A 259 -12.32 5.87 5.06
CA LEU A 259 -12.36 7.20 5.70
C LEU A 259 -12.31 8.28 4.62
N LEU A 260 -12.90 9.44 4.92
CA LEU A 260 -12.69 10.63 4.10
C LEU A 260 -11.38 11.29 4.54
N GLU A 261 -10.90 12.29 3.80
CA GLU A 261 -9.75 13.10 4.25
C GLU A 261 -10.08 13.69 5.63
N HIS A 262 -11.30 14.21 5.79
CA HIS A 262 -11.73 14.99 6.96
C HIS A 262 -13.19 14.69 7.29
N PRO A 263 -13.62 14.76 8.57
CA PRO A 263 -15.02 14.52 8.88
C PRO A 263 -15.79 15.59 8.10
N ALA A 264 -16.91 15.20 7.50
CA ALA A 264 -17.84 16.08 6.86
C ALA A 264 -18.97 16.41 7.86
N ASP A 265 -19.06 17.67 8.30
CA ASP A 265 -20.15 18.09 9.18
C ASP A 265 -21.44 18.09 8.35
N THR A 266 -22.46 17.35 8.84
CA THR A 266 -23.65 16.97 8.10
C THR A 266 -24.82 16.90 9.11
N SER A 267 -26.03 17.23 8.62
CA SER A 267 -27.26 17.05 9.40
C SER A 267 -28.36 16.35 8.56
N LEU A 268 -28.06 16.02 7.30
CA LEU A 268 -28.89 15.15 6.52
C LEU A 268 -27.98 14.27 5.63
N LEU A 269 -28.20 12.95 5.68
CA LEU A 269 -27.34 12.00 4.99
C LEU A 269 -28.17 11.21 3.96
N TYR A 270 -27.97 11.52 2.66
CA TYR A 270 -28.57 10.75 1.60
C TYR A 270 -27.84 9.41 1.54
N ILE A 271 -28.60 8.31 1.46
CA ILE A 271 -27.99 6.99 1.37
C ILE A 271 -28.94 6.06 0.60
N SER A 272 -28.41 5.54 -0.51
CA SER A 272 -29.11 4.69 -1.45
C SER A 272 -28.54 3.26 -1.38
N MET A 273 -29.22 2.35 -2.07
CA MET A 273 -28.97 0.89 -2.00
C MET A 273 -27.48 0.59 -2.22
N ALA A 274 -26.89 -0.03 -1.20
CA ALA A 274 -25.55 -0.62 -1.23
C ALA A 274 -24.49 0.39 -0.80
N GLU A 275 -24.89 1.63 -0.54
CA GLU A 275 -23.98 2.63 0.02
C GLU A 275 -23.70 2.32 1.50
N ARG A 276 -22.43 2.49 1.89
CA ARG A 276 -22.01 2.48 3.31
C ARG A 276 -21.51 3.90 3.66
N TYR A 277 -22.01 4.44 4.78
CA TYR A 277 -21.53 5.72 5.35
C TYR A 277 -21.38 5.54 6.85
N GLU A 278 -20.19 5.86 7.36
CA GLU A 278 -19.88 5.75 8.79
C GLU A 278 -19.99 7.15 9.38
N VAL A 279 -20.73 7.22 10.48
CA VAL A 279 -21.12 8.45 11.12
C VAL A 279 -20.71 8.39 12.59
N VAL A 280 -20.17 9.50 13.09
CA VAL A 280 -20.03 9.72 14.51
C VAL A 280 -21.05 10.76 14.96
N PHE A 281 -21.91 10.32 15.89
CA PHE A 281 -22.90 11.16 16.54
C PHE A 281 -22.54 11.28 18.02
N ASP A 282 -22.59 12.52 18.53
CA ASP A 282 -22.31 12.85 19.92
C ASP A 282 -23.63 13.04 20.67
N PHE A 283 -23.93 12.14 21.64
CA PHE A 283 -25.16 12.20 22.46
C PHE A 283 -24.96 13.04 23.75
N SER A 284 -23.78 13.64 23.92
CA SER A 284 -23.40 14.27 25.18
C SER A 284 -24.30 15.49 25.48
N ASP A 285 -24.71 16.20 24.43
CA ASP A 285 -25.57 17.36 24.59
C ASP A 285 -27.03 16.98 24.84
N TYR A 286 -27.38 15.68 24.85
CA TYR A 286 -28.81 15.23 24.86
C TYR A 286 -29.04 14.26 26.02
N ALA A 287 -28.27 14.44 27.09
CA ALA A 287 -28.41 13.57 28.24
C ALA A 287 -29.85 13.64 28.76
N GLY A 288 -30.46 12.46 28.96
CA GLY A 288 -31.83 12.35 29.48
C GLY A 288 -32.91 12.50 28.41
N LYS A 289 -32.52 12.82 27.15
CA LYS A 289 -33.45 13.00 26.04
C LYS A 289 -33.57 11.70 25.21
N THR A 290 -34.56 11.67 24.31
CA THR A 290 -34.74 10.61 23.32
C THR A 290 -34.51 11.20 21.92
N ILE A 291 -33.52 10.65 21.19
CA ILE A 291 -33.19 11.06 19.82
C ILE A 291 -33.78 10.05 18.83
N GLU A 292 -34.57 10.53 17.86
CA GLU A 292 -35.14 9.64 16.87
C GLU A 292 -34.33 9.77 15.58
N LEU A 293 -33.84 8.63 15.09
CA LEU A 293 -33.33 8.58 13.75
C LEU A 293 -34.54 8.53 12.81
N ARG A 294 -34.56 9.48 11.87
CA ARG A 294 -35.69 9.74 11.03
C ARG A 294 -35.27 9.72 9.56
N ASN A 295 -36.28 9.61 8.69
CA ASN A 295 -36.11 9.51 7.25
C ASN A 295 -36.95 10.58 6.55
N LEU A 296 -36.33 11.27 5.60
CA LEU A 296 -36.90 12.35 4.82
C LEU A 296 -38.08 11.82 3.98
N GLY A 297 -39.21 12.53 3.99
CA GLY A 297 -40.37 12.21 3.16
C GLY A 297 -40.31 12.94 1.83
N GLY A 298 -41.41 12.92 1.09
CA GLY A 298 -41.46 13.57 -0.19
C GLY A 298 -40.47 12.93 -1.15
N SER A 299 -40.35 11.59 -1.08
CA SER A 299 -39.44 10.80 -1.94
C SER A 299 -37.99 11.32 -1.77
N ILE A 300 -37.49 11.25 -0.54
CA ILE A 300 -36.13 11.77 -0.18
C ILE A 300 -35.97 13.22 -0.71
N GLY A 301 -36.87 14.10 -0.26
CA GLY A 301 -36.85 15.53 -0.60
C GLY A 301 -36.79 15.81 -2.10
N GLY A 302 -37.46 14.98 -2.90
CA GLY A 302 -37.54 15.18 -4.36
C GLY A 302 -36.33 14.68 -5.14
N ILE A 303 -35.31 14.13 -4.46
CA ILE A 303 -34.21 13.40 -5.13
C ILE A 303 -34.74 12.08 -5.74
N GLY A 304 -35.71 11.44 -5.05
CA GLY A 304 -36.14 10.06 -5.36
C GLY A 304 -37.52 9.99 -5.97
N THR A 305 -37.99 8.76 -6.17
CA THR A 305 -39.36 8.51 -6.53
C THR A 305 -40.03 7.58 -5.50
N ASP A 306 -39.30 7.21 -4.45
CA ASP A 306 -39.74 6.21 -3.51
C ASP A 306 -41.09 6.62 -2.92
N THR A 307 -41.96 5.64 -2.73
CA THR A 307 -43.24 5.81 -2.02
C THR A 307 -42.95 5.90 -0.53
N ASP A 308 -43.65 6.82 0.12
CA ASP A 308 -43.61 7.06 1.56
C ASP A 308 -44.90 6.53 2.20
N TYR A 309 -44.75 5.81 3.32
CA TYR A 309 -45.89 5.28 4.06
C TYR A 309 -45.90 5.93 5.45
N ASP A 310 -46.93 5.60 6.26
CA ASP A 310 -47.26 6.31 7.49
C ASP A 310 -46.02 6.41 8.38
N ASN A 311 -45.19 5.34 8.45
CA ASN A 311 -44.11 5.24 9.44
C ASN A 311 -42.73 5.04 8.78
N THR A 312 -42.59 5.31 7.47
CA THR A 312 -41.26 5.25 6.78
C THR A 312 -40.42 6.52 7.05
N ASP A 313 -40.98 7.47 7.81
CA ASP A 313 -40.28 8.67 8.35
C ASP A 313 -39.45 8.28 9.58
N LYS A 314 -39.72 7.09 10.14
CA LYS A 314 -39.14 6.67 11.40
C LYS A 314 -38.20 5.48 11.16
N VAL A 315 -37.05 5.51 11.83
CA VAL A 315 -36.08 4.42 11.68
C VAL A 315 -35.93 3.71 13.03
N MET A 316 -35.47 4.45 14.05
CA MET A 316 -35.28 3.88 15.40
C MET A 316 -35.14 5.00 16.42
N ARG A 317 -35.15 4.65 17.72
CA ARG A 317 -35.00 5.62 18.84
C ARG A 317 -33.77 5.30 19.72
N PHE A 318 -32.98 6.33 20.02
CA PHE A 318 -31.92 6.25 21.02
C PHE A 318 -32.41 6.95 22.29
N VAL A 319 -32.44 6.18 23.40
CA VAL A 319 -32.78 6.69 24.73
C VAL A 319 -31.48 6.94 25.48
N VAL A 320 -31.18 8.23 25.74
CA VAL A 320 -29.87 8.68 26.25
C VAL A 320 -29.93 8.80 27.78
N ALA A 321 -28.97 8.15 28.45
CA ALA A 321 -28.89 8.12 29.88
C ALA A 321 -28.48 9.51 30.39
N ASP A 322 -28.58 9.71 31.72
CA ASP A 322 -28.22 11.01 32.31
C ASP A 322 -26.69 11.18 32.34
N ASP A 323 -25.95 10.09 32.63
CA ASP A 323 -24.49 10.15 32.73
C ASP A 323 -23.87 8.97 31.96
N THR A 324 -22.57 9.09 31.70
CA THR A 324 -21.78 7.97 31.21
C THR A 324 -21.34 7.12 32.41
N THR A 325 -21.16 5.81 32.25
CA THR A 325 -20.59 4.98 33.33
C THR A 325 -19.10 5.32 33.47
N GLN A 326 -18.44 5.64 32.34
CA GLN A 326 -17.00 5.97 32.26
C GLN A 326 -16.76 7.10 31.25
N PRO A 327 -15.64 7.85 31.34
CA PRO A 327 -15.47 9.01 30.48
C PRO A 327 -15.36 8.59 29.00
N ASP A 328 -15.87 9.43 28.10
CA ASP A 328 -15.68 9.21 26.70
C ASP A 328 -14.25 9.64 26.36
N THR A 329 -13.34 8.69 26.10
CA THR A 329 -11.94 9.04 25.83
C THR A 329 -11.67 9.17 24.32
N SER A 330 -12.70 8.96 23.49
CA SER A 330 -12.52 8.92 22.04
C SER A 330 -12.51 10.34 21.44
N VAL A 331 -11.93 10.48 20.25
CA VAL A 331 -11.92 11.75 19.50
C VAL A 331 -12.35 11.53 18.03
N VAL A 332 -12.55 12.64 17.31
CA VAL A 332 -12.75 12.62 15.87
C VAL A 332 -11.76 13.58 15.20
N PRO A 333 -10.57 13.10 14.80
CA PRO A 333 -9.57 13.95 14.16
C PRO A 333 -10.06 14.74 12.94
N ALA A 334 -9.64 16.01 12.87
CA ALA A 334 -9.82 16.85 11.70
C ALA A 334 -9.23 16.17 10.46
N ASN A 335 -8.09 15.48 10.64
CA ASN A 335 -7.39 14.80 9.53
C ASN A 335 -7.39 13.29 9.74
N LEU A 336 -8.10 12.57 8.86
CA LEU A 336 -8.41 11.13 9.01
C LEU A 336 -7.38 10.28 8.27
N ARG A 337 -7.19 10.58 6.97
CA ARG A 337 -6.20 9.88 6.15
C ARG A 337 -5.95 10.65 4.84
N ASP A 338 -4.88 10.27 4.13
CA ASP A 338 -4.65 10.70 2.75
C ASP A 338 -5.38 9.71 1.85
N VAL A 339 -6.49 10.14 1.24
CA VAL A 339 -7.30 9.30 0.35
C VAL A 339 -6.49 9.01 -0.93
N PRO A 340 -6.27 7.73 -1.30
CA PRO A 340 -5.54 7.39 -2.53
C PRO A 340 -6.33 7.62 -3.83
N PHE A 341 -6.63 8.88 -4.13
CA PHE A 341 -7.37 9.25 -5.31
C PHE A 341 -6.64 8.76 -6.56
N PRO A 342 -7.35 8.46 -7.68
CA PRO A 342 -6.66 8.13 -8.92
C PRO A 342 -6.05 9.40 -9.54
N SER A 343 -5.06 9.23 -10.42
N SER A 343 -5.09 9.21 -10.44
CA SER A 343 -4.45 10.34 -11.14
CA SER A 343 -4.46 10.29 -11.16
C SER A 343 -5.43 10.83 -12.19
C SER A 343 -5.45 10.82 -12.20
N PRO A 344 -5.88 12.11 -12.12
CA PRO A 344 -6.84 12.64 -13.09
C PRO A 344 -6.47 12.31 -14.55
N THR A 345 -7.51 12.11 -15.36
CA THR A 345 -7.41 11.82 -16.76
C THR A 345 -8.19 12.92 -17.50
N THR A 346 -7.76 13.20 -18.73
CA THR A 346 -8.46 14.07 -19.67
C THR A 346 -9.00 13.22 -20.84
N ASN A 347 -8.83 11.88 -20.73
CA ASN A 347 -9.45 10.91 -21.63
C ASN A 347 -10.95 11.18 -21.64
N THR A 348 -11.55 11.03 -22.82
CA THR A 348 -12.95 11.41 -22.99
C THR A 348 -13.81 10.32 -22.33
N PRO A 349 -14.74 10.68 -21.43
CA PRO A 349 -15.50 9.70 -20.64
C PRO A 349 -16.38 8.79 -21.49
N ARG A 350 -16.58 7.55 -21.03
CA ARG A 350 -17.57 6.65 -21.59
C ARG A 350 -18.96 7.08 -21.08
N GLN A 351 -20.00 6.83 -21.87
CA GLN A 351 -21.36 7.17 -21.49
C GLN A 351 -22.18 5.89 -21.30
N PHE A 352 -22.85 5.78 -20.14
CA PHE A 352 -23.80 4.72 -19.82
C PHE A 352 -25.12 5.32 -19.41
N ARG A 353 -26.19 5.00 -20.16
CA ARG A 353 -27.54 5.47 -19.90
C ARG A 353 -28.37 4.38 -19.20
N PHE A 354 -28.86 4.71 -18.00
CA PHE A 354 -29.67 3.84 -17.17
C PHE A 354 -31.13 4.17 -17.42
N GLY A 355 -31.78 3.31 -18.19
CA GLY A 355 -33.14 3.57 -18.65
C GLY A 355 -33.98 2.30 -18.77
N ARG A 356 -34.98 2.36 -19.65
N ARG A 356 -34.90 2.33 -19.73
CA ARG A 356 -35.94 1.27 -19.84
CA ARG A 356 -35.91 1.32 -19.87
C ARG A 356 -36.09 1.02 -21.34
C ARG A 356 -36.10 1.02 -21.37
N THR A 357 -35.85 -0.23 -21.75
CA THR A 357 -36.18 -0.75 -23.08
C THR A 357 -37.37 -1.72 -22.93
N GLY A 358 -38.56 -1.19 -23.21
CA GLY A 358 -39.79 -1.90 -23.02
C GLY A 358 -40.10 -2.11 -21.55
N PRO A 359 -40.41 -3.37 -21.16
CA PRO A 359 -40.64 -3.70 -19.74
C PRO A 359 -39.36 -3.91 -18.92
N THR A 360 -38.19 -3.79 -19.58
CA THR A 360 -36.89 -4.22 -19.03
C THR A 360 -36.00 -3.01 -18.72
N TRP A 361 -35.45 -2.98 -17.50
CA TRP A 361 -34.44 -1.97 -17.11
C TRP A 361 -33.09 -2.31 -17.77
N THR A 362 -32.48 -1.33 -18.44
CA THR A 362 -31.34 -1.58 -19.32
C THR A 362 -30.21 -0.57 -19.12
N ILE A 363 -29.03 -0.94 -19.63
CA ILE A 363 -27.88 -0.09 -19.67
C ILE A 363 -27.51 0.07 -21.14
N ASN A 364 -27.53 1.29 -21.66
CA ASN A 364 -27.27 1.53 -23.06
C ASN A 364 -28.15 0.63 -23.94
N GLY A 365 -29.41 0.46 -23.54
CA GLY A 365 -30.37 -0.31 -24.31
C GLY A 365 -30.23 -1.82 -24.18
N VAL A 366 -29.30 -2.30 -23.33
CA VAL A 366 -28.91 -3.72 -23.29
C VAL A 366 -29.25 -4.31 -21.91
N ALA A 367 -29.68 -5.58 -21.93
CA ALA A 367 -30.07 -6.34 -20.76
C ALA A 367 -28.95 -7.34 -20.46
N PHE A 368 -28.70 -7.58 -19.17
CA PHE A 368 -27.55 -8.36 -18.79
C PHE A 368 -27.57 -9.76 -19.43
N ALA A 369 -28.76 -10.36 -19.54
CA ALA A 369 -28.97 -11.74 -20.04
C ALA A 369 -28.54 -11.87 -21.50
N ASP A 370 -28.63 -10.76 -22.25
CA ASP A 370 -28.17 -10.66 -23.66
C ASP A 370 -26.64 -10.65 -23.68
N VAL A 371 -26.08 -11.85 -23.58
CA VAL A 371 -24.67 -12.14 -23.47
C VAL A 371 -23.83 -11.56 -24.63
N GLN A 372 -24.33 -11.71 -25.86
CA GLN A 372 -23.73 -11.17 -27.09
C GLN A 372 -23.41 -9.67 -26.97
N ASN A 373 -24.22 -8.92 -26.20
CA ASN A 373 -24.15 -7.45 -26.21
C ASN A 373 -23.82 -6.81 -24.84
N ARG A 374 -23.67 -7.61 -23.76
CA ARG A 374 -23.69 -7.04 -22.41
C ARG A 374 -22.27 -6.65 -21.97
N LEU A 375 -21.25 -7.00 -22.73
CA LEU A 375 -19.89 -6.52 -22.45
C LEU A 375 -19.68 -5.11 -23.05
N LEU A 376 -19.78 -4.06 -22.22
CA LEU A 376 -19.88 -2.66 -22.70
C LEU A 376 -18.54 -1.90 -22.66
N ALA A 377 -17.44 -2.50 -22.17
CA ALA A 377 -16.13 -1.81 -22.11
C ALA A 377 -14.99 -2.81 -21.87
N ASN A 378 -13.93 -2.69 -22.67
CA ASN A 378 -12.66 -3.30 -22.42
C ASN A 378 -11.72 -2.20 -21.98
N VAL A 379 -11.06 -2.40 -20.82
CA VAL A 379 -10.27 -1.37 -20.13
C VAL A 379 -8.95 -1.99 -19.68
N PRO A 380 -7.82 -1.60 -20.30
CA PRO A 380 -6.52 -2.18 -19.95
C PRO A 380 -6.22 -1.93 -18.46
N VAL A 381 -5.81 -2.98 -17.74
CA VAL A 381 -5.49 -2.87 -16.33
C VAL A 381 -4.45 -1.76 -16.17
N GLY A 382 -4.71 -0.84 -15.24
CA GLY A 382 -3.84 0.27 -14.97
C GLY A 382 -4.38 1.59 -15.48
N THR A 383 -5.31 1.55 -16.45
CA THR A 383 -5.92 2.73 -17.03
C THR A 383 -6.81 3.43 -15.99
N VAL A 384 -6.79 4.75 -15.99
CA VAL A 384 -7.82 5.50 -15.32
C VAL A 384 -8.83 5.90 -16.39
N GLU A 385 -10.11 5.75 -16.07
CA GLU A 385 -11.17 6.18 -16.97
C GLU A 385 -12.24 6.90 -16.15
N ARG A 386 -12.86 7.88 -16.82
CA ARG A 386 -14.05 8.53 -16.35
C ARG A 386 -15.25 7.88 -17.05
N TRP A 387 -16.30 7.59 -16.28
CA TRP A 387 -17.53 7.04 -16.83
C TRP A 387 -18.65 8.02 -16.50
N GLU A 388 -19.40 8.44 -17.52
CA GLU A 388 -20.51 9.34 -17.36
C GLU A 388 -21.77 8.49 -17.24
N LEU A 389 -22.34 8.46 -16.04
CA LEU A 389 -23.48 7.64 -15.68
C LEU A 389 -24.73 8.53 -15.74
N ILE A 390 -25.63 8.24 -16.68
CA ILE A 390 -26.70 9.15 -17.06
C ILE A 390 -28.06 8.54 -16.73
N ASN A 391 -28.81 9.19 -15.85
CA ASN A 391 -30.23 8.91 -15.65
C ASN A 391 -31.02 10.05 -16.30
N ALA A 392 -31.63 9.79 -17.46
CA ALA A 392 -32.45 10.78 -18.18
C ALA A 392 -33.85 10.89 -17.56
N GLY A 393 -34.24 9.88 -16.75
CA GLY A 393 -35.61 9.69 -16.28
C GLY A 393 -35.93 10.48 -15.04
N ASN A 394 -37.20 10.84 -14.89
CA ASN A 394 -37.74 11.49 -13.70
C ASN A 394 -38.53 10.47 -12.88
N GLY A 395 -38.75 9.28 -13.45
CA GLY A 395 -39.65 8.30 -12.87
C GLY A 395 -38.91 7.11 -12.29
N TRP A 396 -37.59 7.20 -12.19
CA TRP A 396 -36.73 6.19 -11.54
C TRP A 396 -35.43 6.83 -11.06
N THR A 397 -34.85 6.20 -10.03
CA THR A 397 -33.49 6.50 -9.59
C THR A 397 -32.68 5.21 -9.56
N HIS A 398 -31.36 5.37 -9.62
CA HIS A 398 -30.43 4.28 -9.87
C HIS A 398 -29.14 4.50 -9.09
N PRO A 399 -28.93 3.81 -7.94
CA PRO A 399 -27.61 3.71 -7.33
C PRO A 399 -26.72 2.72 -8.11
N ILE A 400 -25.72 3.28 -8.80
CA ILE A 400 -24.88 2.57 -9.71
C ILE A 400 -23.64 2.09 -8.96
N HIS A 401 -23.35 0.80 -9.09
CA HIS A 401 -22.25 0.16 -8.45
C HIS A 401 -21.32 -0.37 -9.54
N ILE A 402 -20.03 -0.12 -9.40
CA ILE A 402 -19.04 -0.65 -10.31
C ILE A 402 -18.13 -1.57 -9.49
N HIS A 403 -18.08 -2.87 -9.86
CA HIS A 403 -17.23 -3.86 -9.18
C HIS A 403 -15.76 -3.55 -9.45
N LEU A 404 -14.90 -4.19 -8.66
CA LEU A 404 -13.42 -4.13 -8.72
C LEU A 404 -12.87 -2.82 -8.15
N VAL A 405 -13.34 -1.68 -8.69
CA VAL A 405 -12.73 -0.38 -8.42
C VAL A 405 -13.31 0.28 -7.17
N ASP A 406 -12.50 1.19 -6.67
CA ASP A 406 -12.89 2.37 -5.93
C ASP A 406 -12.85 3.56 -6.90
N PHE A 407 -13.84 4.46 -6.82
CA PHE A 407 -13.87 5.64 -7.70
C PHE A 407 -14.12 6.96 -6.94
N LYS A 408 -13.73 8.06 -7.60
CA LYS A 408 -14.00 9.37 -7.15
C LYS A 408 -15.16 9.93 -7.95
N VAL A 409 -16.09 10.59 -7.24
CA VAL A 409 -17.20 11.32 -7.82
C VAL A 409 -16.71 12.70 -8.27
N ILE A 410 -16.61 12.89 -9.59
CA ILE A 410 -16.16 14.17 -10.19
C ILE A 410 -17.27 15.22 -10.19
N SER A 411 -18.49 14.87 -10.64
CA SER A 411 -19.56 15.87 -10.87
C SER A 411 -20.94 15.21 -10.79
N ARG A 412 -21.93 16.02 -10.41
CA ARG A 412 -23.35 15.66 -10.54
C ARG A 412 -24.14 16.84 -11.12
N THR A 413 -24.88 16.59 -12.22
CA THR A 413 -25.90 17.54 -12.72
C THR A 413 -27.28 16.93 -12.43
N SER A 414 -28.24 17.83 -12.23
CA SER A 414 -29.61 17.45 -11.94
C SER A 414 -30.51 18.23 -12.89
N GLY A 415 -31.35 17.51 -13.63
CA GLY A 415 -32.34 18.13 -14.47
C GLY A 415 -33.41 18.84 -13.66
N ASN A 416 -33.48 18.58 -12.36
CA ASN A 416 -34.44 19.25 -11.49
C ASN A 416 -33.76 20.27 -10.58
N ASN A 417 -32.48 20.60 -10.86
CA ASN A 417 -31.69 21.57 -10.08
C ASN A 417 -31.65 21.21 -8.59
N ALA A 418 -31.67 19.91 -8.27
CA ALA A 418 -31.82 19.46 -6.90
C ALA A 418 -30.51 19.61 -6.09
N ARG A 419 -29.36 19.33 -6.70
CA ARG A 419 -28.10 19.17 -5.97
C ARG A 419 -26.96 18.90 -6.96
N THR A 420 -25.74 18.97 -6.43
CA THR A 420 -24.52 18.52 -7.10
C THR A 420 -23.86 17.50 -6.16
N VAL A 421 -22.53 17.49 -6.09
CA VAL A 421 -21.77 16.51 -5.30
C VAL A 421 -21.94 16.85 -3.82
N MET A 422 -22.12 15.84 -2.97
CA MET A 422 -22.31 16.05 -1.54
C MET A 422 -20.95 16.00 -0.84
N PRO A 423 -20.78 16.70 0.31
CA PRO A 423 -19.50 16.67 1.01
C PRO A 423 -19.03 15.26 1.38
N TYR A 424 -19.97 14.34 1.69
CA TYR A 424 -19.63 12.96 2.11
C TYR A 424 -19.30 12.07 0.88
N GLU A 425 -19.49 12.63 -0.32
CA GLU A 425 -19.01 12.03 -1.55
C GLU A 425 -17.60 12.53 -1.92
N SER A 426 -16.89 13.14 -0.97
CA SER A 426 -15.56 13.78 -1.22
C SER A 426 -14.44 12.73 -1.33
N GLY A 427 -14.72 11.50 -0.86
CA GLY A 427 -13.71 10.46 -0.69
C GLY A 427 -13.67 9.53 -1.89
N LEU A 428 -13.58 8.22 -1.61
CA LEU A 428 -13.64 7.14 -2.60
C LEU A 428 -14.87 6.28 -2.30
N LYS A 429 -15.63 6.01 -3.37
CA LYS A 429 -16.86 5.25 -3.30
C LYS A 429 -16.87 4.12 -4.33
N ASP A 430 -17.84 3.21 -4.19
CA ASP A 430 -18.06 2.13 -5.15
C ASP A 430 -19.53 2.09 -5.57
N VAL A 431 -20.36 2.98 -5.02
CA VAL A 431 -21.77 3.21 -5.43
C VAL A 431 -22.05 4.72 -5.47
N VAL A 432 -22.87 5.16 -6.43
CA VAL A 432 -23.25 6.59 -6.54
C VAL A 432 -24.71 6.64 -7.00
N TRP A 433 -25.51 7.46 -6.31
CA TRP A 433 -26.91 7.57 -6.54
C TRP A 433 -27.18 8.56 -7.69
N LEU A 434 -27.68 8.04 -8.83
CA LEU A 434 -28.26 8.87 -9.87
C LEU A 434 -29.70 9.16 -9.47
N GLY A 435 -29.91 10.30 -8.80
CA GLY A 435 -31.27 10.77 -8.50
C GLY A 435 -32.02 11.15 -9.76
N ARG A 436 -33.22 11.71 -9.58
CA ARG A 436 -34.10 12.10 -10.70
C ARG A 436 -33.34 13.04 -11.65
N ARG A 437 -33.32 12.67 -12.94
N ARG A 437 -33.25 12.63 -12.92
CA ARG A 437 -32.63 13.40 -13.99
CA ARG A 437 -32.63 13.41 -13.98
C ARG A 437 -31.24 13.83 -13.51
C ARG A 437 -31.20 13.80 -13.59
N GLU A 438 -30.51 12.91 -12.88
CA GLU A 438 -29.11 13.16 -12.48
C GLU A 438 -28.17 12.42 -13.44
N THR A 439 -27.09 13.09 -13.82
CA THR A 439 -25.95 12.49 -14.53
C THR A 439 -24.72 12.70 -13.65
N VAL A 440 -23.97 11.62 -13.35
CA VAL A 440 -22.76 11.69 -12.49
C VAL A 440 -21.56 11.21 -13.32
N VAL A 441 -20.42 11.88 -13.15
CA VAL A 441 -19.17 11.42 -13.71
C VAL A 441 -18.32 10.91 -12.54
N VAL A 442 -17.74 9.71 -12.73
CA VAL A 442 -16.87 9.10 -11.75
C VAL A 442 -15.55 8.78 -12.46
N GLU A 443 -14.50 8.69 -11.64
CA GLU A 443 -13.13 8.45 -12.07
C GLU A 443 -12.54 7.30 -11.25
N ALA A 444 -12.03 6.28 -11.94
CA ALA A 444 -11.56 5.09 -11.30
C ALA A 444 -10.31 4.58 -12.00
N HIS A 445 -9.42 4.01 -11.18
CA HIS A 445 -8.25 3.25 -11.56
C HIS A 445 -8.68 1.78 -11.69
N TYR A 446 -8.68 1.28 -12.93
CA TYR A 446 -9.11 -0.07 -13.25
C TYR A 446 -7.92 -0.99 -12.97
N ALA A 447 -7.81 -1.38 -11.70
CA ALA A 447 -6.63 -2.02 -11.20
C ALA A 447 -6.98 -2.68 -9.86
N PRO A 448 -6.20 -3.72 -9.50
CA PRO A 448 -4.96 -4.10 -10.18
C PRO A 448 -4.97 -5.48 -10.86
N PHE A 449 -6.17 -6.09 -10.92
CA PHE A 449 -6.35 -7.48 -11.40
C PHE A 449 -7.17 -7.51 -12.69
N PRO A 450 -6.75 -8.29 -13.71
CA PRO A 450 -7.56 -8.48 -14.91
C PRO A 450 -8.67 -9.51 -14.67
N GLY A 451 -9.73 -9.40 -15.47
CA GLY A 451 -10.95 -10.21 -15.33
C GLY A 451 -12.21 -9.45 -15.77
N VAL A 452 -13.27 -10.22 -16.07
CA VAL A 452 -14.58 -9.73 -16.40
C VAL A 452 -15.31 -9.45 -15.09
N TYR A 453 -15.76 -8.21 -14.91
CA TYR A 453 -16.52 -7.78 -13.71
C TYR A 453 -17.86 -7.16 -14.14
N MET A 454 -18.77 -7.02 -13.17
CA MET A 454 -20.10 -6.45 -13.33
C MET A 454 -20.11 -4.95 -12.98
N PHE A 455 -21.11 -4.27 -13.54
CA PHE A 455 -21.58 -3.01 -13.03
C PHE A 455 -23.06 -2.89 -13.36
N HIS A 456 -23.78 -2.16 -12.51
CA HIS A 456 -25.19 -2.24 -12.53
C HIS A 456 -25.82 -1.26 -11.55
N CYS A 457 -27.11 -1.05 -11.74
CA CYS A 457 -27.94 -0.45 -10.75
C CYS A 457 -28.12 -1.42 -9.57
N HIS A 458 -28.13 -0.85 -8.35
CA HIS A 458 -28.20 -1.66 -7.12
C HIS A 458 -29.61 -1.60 -6.52
N ASN A 459 -30.56 -1.02 -7.25
CA ASN A 459 -31.96 -1.29 -7.02
C ASN A 459 -32.16 -2.75 -7.46
N LEU A 460 -32.36 -3.66 -6.49
CA LEU A 460 -32.30 -5.12 -6.76
C LEU A 460 -33.40 -5.54 -7.75
N ILE A 461 -34.55 -4.85 -7.72
CA ILE A 461 -35.61 -5.07 -8.70
C ILE A 461 -35.09 -4.73 -10.10
N HIS A 462 -34.61 -3.49 -10.29
CA HIS A 462 -34.04 -3.07 -11.57
C HIS A 462 -32.89 -3.99 -11.97
N GLU A 463 -32.05 -4.40 -11.02
CA GLU A 463 -30.86 -5.24 -11.24
C GLU A 463 -31.29 -6.59 -11.83
N ASP A 464 -32.38 -7.18 -11.33
N ASP A 464 -32.38 -7.16 -11.32
CA ASP A 464 -32.80 -8.52 -11.73
CA ASP A 464 -32.83 -8.50 -11.70
C ASP A 464 -33.31 -8.51 -13.19
C ASP A 464 -33.47 -8.50 -13.10
N HIS A 465 -34.10 -7.50 -13.57
N HIS A 465 -34.02 -7.36 -13.54
CA HIS A 465 -34.70 -7.47 -14.90
CA HIS A 465 -34.79 -7.34 -14.78
C HIS A 465 -34.61 -6.07 -15.54
C HIS A 465 -34.62 -6.01 -15.53
N ASP A 466 -33.41 -5.67 -16.00
CA ASP A 466 -32.20 -6.48 -15.99
C ASP A 466 -31.00 -5.52 -16.16
N MET A 467 -30.83 -4.59 -15.21
CA MET A 467 -30.06 -3.37 -15.38
C MET A 467 -28.60 -3.57 -14.93
N MET A 468 -27.86 -4.37 -15.71
CA MET A 468 -26.58 -4.89 -15.32
C MET A 468 -25.81 -5.20 -16.61
N ALA A 469 -24.49 -4.97 -16.57
CA ALA A 469 -23.61 -5.12 -17.71
C ALA A 469 -22.21 -5.54 -17.20
N ALA A 470 -21.24 -5.57 -18.11
CA ALA A 470 -19.94 -6.13 -17.78
C ALA A 470 -18.83 -5.31 -18.45
N PHE A 471 -17.71 -5.22 -17.76
CA PHE A 471 -16.51 -4.69 -18.31
C PHE A 471 -15.42 -5.75 -18.13
N ASN A 472 -14.47 -5.73 -19.06
CA ASN A 472 -13.31 -6.59 -19.03
C ASN A 472 -12.07 -5.72 -18.77
N ALA A 473 -11.46 -5.89 -17.59
CA ALA A 473 -10.18 -5.28 -17.29
C ALA A 473 -9.10 -6.15 -17.93
N THR A 474 -8.54 -5.71 -19.06
CA THR A 474 -7.72 -6.60 -19.94
C THR A 474 -6.23 -6.50 -19.63
N VAL A 475 -5.49 -7.56 -19.98
CA VAL A 475 -4.01 -7.56 -20.02
C VAL A 475 -3.54 -8.21 -21.33
N LEU A 476 -2.29 -7.91 -21.69
CA LEU A 476 -1.63 -8.45 -22.89
C LEU A 476 -1.01 -9.81 -22.56
N PRO A 477 -0.75 -10.67 -23.58
CA PRO A 477 -0.27 -12.04 -23.34
C PRO A 477 0.99 -12.26 -22.47
N ASP A 478 1.82 -11.22 -22.34
N ASP A 478 1.90 -11.28 -22.35
CA ASP A 478 3.11 -11.26 -21.63
CA ASP A 478 3.14 -11.49 -21.57
C ASP A 478 2.92 -11.06 -20.12
C ASP A 478 2.93 -11.05 -20.10
N TYR A 479 1.68 -10.89 -19.65
CA TYR A 479 1.37 -10.32 -18.31
C TYR A 479 1.76 -11.29 -17.16
N GLY A 480 1.34 -12.55 -17.24
CA GLY A 480 1.66 -13.54 -16.20
C GLY A 480 0.65 -13.51 -15.06
N TYR A 481 1.14 -13.71 -13.84
CA TYR A 481 0.33 -13.77 -12.57
C TYR A 481 -0.89 -14.71 -12.71
N ASN A 482 -0.72 -15.80 -13.47
CA ASN A 482 -1.72 -16.83 -13.66
C ASN A 482 -3.03 -16.26 -14.21
N ALA A 483 -2.95 -15.20 -15.00
CA ALA A 483 -4.15 -14.46 -15.36
C ALA A 483 -5.08 -15.36 -16.20
N THR A 484 -4.53 -16.40 -16.83
CA THR A 484 -5.32 -17.29 -17.71
C THR A 484 -6.38 -18.03 -16.87
N VAL A 485 -6.08 -18.38 -15.61
CA VAL A 485 -7.09 -19.08 -14.77
C VAL A 485 -7.91 -18.10 -13.93
N PHE A 486 -7.75 -16.79 -14.12
CA PHE A 486 -8.34 -15.82 -13.19
C PHE A 486 -9.13 -14.71 -13.89
N VAL A 487 -9.23 -14.70 -15.22
CA VAL A 487 -10.02 -13.64 -15.91
C VAL A 487 -11.47 -14.10 -16.19
N ASP A 488 -11.72 -15.43 -16.20
CA ASP A 488 -13.05 -15.93 -16.52
C ASP A 488 -13.74 -16.30 -15.22
N PRO A 489 -14.85 -15.63 -14.83
CA PRO A 489 -15.53 -15.94 -13.56
C PRO A 489 -16.05 -17.38 -13.44
N MET A 490 -16.34 -18.01 -14.59
CA MET A 490 -16.93 -19.36 -14.68
C MET A 490 -15.85 -20.46 -14.73
N GLU A 491 -14.58 -20.05 -14.63
CA GLU A 491 -13.43 -20.94 -14.63
C GLU A 491 -13.74 -22.16 -13.76
N GLU A 492 -13.51 -23.34 -14.34
CA GLU A 492 -13.80 -24.66 -13.75
C GLU A 492 -13.08 -24.83 -12.39
N LEU A 493 -11.83 -24.38 -12.28
CA LEU A 493 -11.04 -24.62 -11.05
C LEU A 493 -11.76 -24.04 -9.82
N TRP A 494 -12.58 -22.98 -10.02
CA TRP A 494 -13.14 -22.20 -8.89
C TRP A 494 -14.65 -22.43 -8.74
N GLN A 495 -15.22 -23.33 -9.56
CA GLN A 495 -16.68 -23.59 -9.56
C GLN A 495 -17.13 -24.29 -8.27
N ALA A 496 -18.43 -24.15 -7.98
CA ALA A 496 -19.05 -24.81 -6.87
C ALA A 496 -18.89 -26.32 -7.06
N ARG A 497 -19.01 -27.08 -5.96
CA ARG A 497 -18.82 -28.53 -5.93
C ARG A 497 -19.93 -29.13 -5.07
N PRO A 498 -20.44 -30.34 -5.39
CA PRO A 498 -21.38 -31.03 -4.50
C PRO A 498 -20.81 -31.50 -3.15
N TYR A 499 -21.70 -31.56 -2.15
CA TYR A 499 -21.41 -32.10 -0.79
C TYR A 499 -22.63 -32.89 -0.29
N GLU A 500 -22.37 -33.94 0.52
CA GLU A 500 -23.40 -34.68 1.28
C GLU A 500 -23.61 -33.98 2.63
N LEU A 501 -24.87 -33.84 3.05
CA LEU A 501 -25.15 -33.07 4.25
C LEU A 501 -24.44 -33.68 5.49
N GLY A 502 -24.35 -35.01 5.55
CA GLY A 502 -23.70 -35.73 6.66
C GLY A 502 -22.20 -35.44 6.81
N GLU A 503 -21.46 -35.39 5.69
CA GLU A 503 -20.05 -34.95 5.65
C GLU A 503 -19.87 -33.62 6.40
N PHE A 504 -20.71 -32.63 6.03
CA PHE A 504 -20.58 -31.28 6.53
C PHE A 504 -20.86 -31.24 8.04
N GLN A 505 -21.93 -31.92 8.48
CA GLN A 505 -22.38 -31.91 9.89
C GLN A 505 -21.39 -32.66 10.80
N ALA A 506 -20.71 -33.67 10.26
CA ALA A 506 -19.71 -34.47 10.97
C ALA A 506 -18.28 -33.91 10.81
N GLN A 507 -18.08 -32.96 9.87
CA GLN A 507 -16.77 -32.33 9.54
C GLN A 507 -15.81 -33.42 9.06
N SER A 508 -16.30 -34.23 8.12
CA SER A 508 -15.58 -35.37 7.54
C SER A 508 -15.65 -35.23 6.02
N GLY A 509 -14.95 -36.13 5.32
CA GLY A 509 -14.83 -36.07 3.88
C GLY A 509 -14.15 -34.79 3.42
N GLN A 510 -14.80 -34.09 2.48
CA GLN A 510 -14.38 -32.79 1.95
C GLN A 510 -14.23 -31.76 3.08
N PHE A 511 -14.89 -32.00 4.22
CA PHE A 511 -14.89 -31.09 5.36
C PHE A 511 -13.94 -31.52 6.48
N SER A 512 -13.09 -32.52 6.25
CA SER A 512 -12.10 -32.88 7.24
C SER A 512 -11.04 -31.77 7.28
N VAL A 513 -10.34 -31.66 8.41
CA VAL A 513 -9.25 -30.72 8.55
C VAL A 513 -8.26 -30.92 7.38
N GLN A 514 -7.95 -32.18 7.12
CA GLN A 514 -6.98 -32.60 6.13
C GLN A 514 -7.41 -32.12 4.74
N ALA A 515 -8.71 -32.27 4.42
CA ALA A 515 -9.23 -31.98 3.05
C ALA A 515 -9.35 -30.46 2.85
N VAL A 516 -9.76 -29.73 3.89
CA VAL A 516 -9.86 -28.29 3.82
C VAL A 516 -8.44 -27.76 3.54
N THR A 517 -7.48 -28.30 4.31
CA THR A 517 -6.06 -27.92 4.21
C THR A 517 -5.53 -28.21 2.80
N GLU A 518 -5.83 -29.39 2.25
CA GLU A 518 -5.40 -29.72 0.86
C GLU A 518 -6.02 -28.70 -0.11
N ARG A 519 -7.32 -28.41 0.06
N ARG A 519 -7.31 -28.40 0.09
CA ARG A 519 -8.02 -27.52 -0.88
CA ARG A 519 -8.07 -27.54 -0.82
C ARG A 519 -7.41 -26.11 -0.82
C ARG A 519 -7.47 -26.13 -0.81
N ILE A 520 -7.27 -25.55 0.38
CA ILE A 520 -6.82 -24.16 0.50
C ILE A 520 -5.38 -24.03 -0.05
N GLN A 521 -4.51 -24.94 0.38
CA GLN A 521 -3.11 -24.88 -0.01
C GLN A 521 -3.02 -24.89 -1.54
N THR A 522 -3.83 -25.73 -2.18
CA THR A 522 -3.82 -25.80 -3.65
C THR A 522 -4.27 -24.46 -4.26
N MET A 523 -5.35 -23.90 -3.72
CA MET A 523 -5.87 -22.59 -4.19
C MET A 523 -4.75 -21.54 -4.05
N ALA A 524 -4.09 -21.52 -2.89
CA ALA A 524 -3.08 -20.52 -2.57
C ALA A 524 -1.87 -20.62 -3.49
N GLU A 525 -1.62 -21.81 -4.07
CA GLU A 525 -0.45 -21.99 -4.91
C GLU A 525 -0.59 -21.23 -6.23
N TYR A 526 -1.84 -20.99 -6.66
CA TYR A 526 -2.12 -20.25 -7.88
C TYR A 526 -1.84 -18.74 -7.69
N ARG A 527 -1.74 -18.29 -6.44
CA ARG A 527 -1.38 -16.88 -6.08
C ARG A 527 -2.36 -15.88 -6.71
N PRO A 528 -3.64 -15.92 -6.25
CA PRO A 528 -4.68 -15.02 -6.76
C PRO A 528 -4.38 -13.50 -6.75
N TYR A 529 -3.70 -13.01 -5.71
CA TYR A 529 -3.55 -11.55 -5.43
C TYR A 529 -2.08 -11.10 -5.45
N ALA A 530 -1.20 -11.87 -6.09
CA ALA A 530 0.25 -11.55 -6.13
C ALA A 530 0.50 -10.15 -6.74
N ALA A 531 -0.31 -9.73 -7.71
CA ALA A 531 -0.04 -8.52 -8.48
C ALA A 531 -0.23 -7.27 -7.62
N ALA A 532 -0.81 -7.40 -6.43
CA ALA A 532 -1.06 -6.27 -5.51
C ALA A 532 -0.09 -6.29 -4.34
N ASP A 533 1.03 -7.02 -4.47
CA ASP A 533 2.15 -6.93 -3.52
C ASP A 533 3.00 -5.72 -3.92
N GLU A 534 3.35 -4.91 -2.92
CA GLU A 534 3.83 -3.51 -3.12
C GLU A 534 5.30 -3.39 -2.72
N VAL B 1 48.50 -6.47 6.21
CA VAL B 1 49.52 -5.44 5.84
C VAL B 1 49.51 -4.30 6.88
N ALA B 2 50.72 -3.80 7.18
CA ALA B 2 50.93 -2.67 8.11
C ALA B 2 49.95 -1.53 7.82
N GLN B 3 49.28 -1.07 8.89
CA GLN B 3 48.49 0.16 8.86
C GLN B 3 49.43 1.30 8.46
N ILE B 4 48.92 2.21 7.63
CA ILE B 4 49.66 3.42 7.19
C ILE B 4 49.20 4.63 8.01
N SER B 5 47.88 4.73 8.22
CA SER B 5 47.28 5.76 9.05
C SER B 5 47.87 5.71 10.44
N PRO B 6 47.95 6.86 11.17
CA PRO B 6 48.39 6.87 12.57
C PRO B 6 47.59 5.93 13.49
N GLN B 7 48.20 5.43 14.57
CA GLN B 7 47.47 4.55 15.51
C GLN B 7 46.26 5.32 16.06
N TYR B 8 45.09 4.68 16.06
CA TYR B 8 43.87 5.27 16.61
C TYR B 8 43.54 4.67 17.99
N PRO B 9 42.92 5.45 18.92
CA PRO B 9 42.45 4.92 20.20
C PRO B 9 41.15 4.11 20.02
N MET B 10 41.33 2.85 19.62
CA MET B 10 40.25 1.91 19.27
C MET B 10 39.18 1.86 20.36
N PHE B 11 37.91 2.01 19.95
CA PHE B 11 36.72 1.71 20.78
C PHE B 11 36.65 2.60 22.03
N THR B 12 36.98 3.90 21.86
CA THR B 12 37.04 4.90 22.96
C THR B 12 35.97 5.98 22.80
N VAL B 13 35.49 6.21 21.57
CA VAL B 13 34.48 7.23 21.25
C VAL B 13 33.13 6.56 21.01
N PRO B 14 32.01 7.03 21.63
CA PRO B 14 30.70 6.44 21.35
C PRO B 14 30.29 6.60 19.87
N LEU B 15 29.49 5.64 19.38
CA LEU B 15 28.93 5.68 18.03
C LEU B 15 28.05 6.92 17.90
N PRO B 16 28.37 7.85 16.98
CA PRO B 16 27.49 8.99 16.69
C PRO B 16 26.29 8.59 15.81
N ILE B 17 25.18 9.35 15.95
CA ILE B 17 23.91 9.05 15.27
C ILE B 17 23.54 10.27 14.46
N PRO B 18 23.65 10.23 13.11
CA PRO B 18 23.27 11.38 12.29
C PRO B 18 21.87 11.84 12.70
N PRO B 19 21.66 13.16 12.97
CA PRO B 19 20.36 13.67 13.38
C PRO B 19 19.33 13.53 12.27
N VAL B 20 18.06 13.55 12.65
CA VAL B 20 17.00 13.54 11.68
C VAL B 20 16.97 14.90 10.99
N LYS B 21 16.87 14.89 9.65
CA LYS B 21 16.64 16.10 8.86
C LYS B 21 15.13 16.41 8.90
N GLN B 22 14.79 17.59 9.44
CA GLN B 22 13.42 18.12 9.48
C GLN B 22 13.17 18.98 8.24
N PRO B 23 11.93 18.95 7.69
CA PRO B 23 11.56 19.83 6.59
C PRO B 23 11.59 21.30 7.05
N ARG B 24 11.73 22.22 6.09
CA ARG B 24 11.64 23.63 6.39
C ARG B 24 10.15 24.01 6.49
N LEU B 25 9.35 23.47 5.57
CA LEU B 25 7.91 23.73 5.53
C LEU B 25 7.22 22.65 4.69
N THR B 26 5.94 22.85 4.39
CA THR B 26 5.12 21.91 3.62
C THR B 26 4.21 22.70 2.67
N VAL B 27 3.80 22.07 1.56
CA VAL B 27 3.10 22.74 0.47
C VAL B 27 2.05 21.79 -0.12
N THR B 28 0.92 22.34 -0.56
CA THR B 28 -0.20 21.50 -0.98
C THR B 28 -0.08 21.25 -2.49
N ASN B 29 0.01 19.97 -2.86
CA ASN B 29 -0.03 19.49 -4.25
C ASN B 29 -1.41 19.81 -4.84
N PRO B 30 -1.53 20.82 -5.73
CA PRO B 30 -2.84 21.26 -6.20
C PRO B 30 -3.45 20.37 -7.31
N VAL B 31 -3.02 19.11 -7.38
CA VAL B 31 -3.57 18.11 -8.34
C VAL B 31 -4.36 17.02 -7.59
N ASN B 32 -3.89 16.66 -6.38
CA ASN B 32 -4.61 15.72 -5.50
C ASN B 32 -4.50 16.19 -4.04
N GLY B 33 -4.39 17.51 -3.81
CA GLY B 33 -4.51 18.16 -2.50
C GLY B 33 -3.68 17.53 -1.39
N GLN B 34 -2.76 16.60 -1.74
CA GLN B 34 -1.86 15.92 -0.78
C GLN B 34 -0.85 16.94 -0.22
N GLU B 35 0.05 16.46 0.66
CA GLU B 35 1.12 17.28 1.24
C GLU B 35 2.46 16.95 0.57
N ILE B 36 3.30 17.98 0.43
CA ILE B 36 4.69 17.89 -0.06
C ILE B 36 5.64 18.50 0.97
N TRP B 37 6.53 17.68 1.54
CA TRP B 37 7.52 18.16 2.46
C TRP B 37 8.70 18.75 1.68
N TYR B 38 9.03 20.01 1.99
CA TYR B 38 10.13 20.75 1.40
C TYR B 38 11.29 20.82 2.41
N TYR B 39 12.49 20.45 1.94
CA TYR B 39 13.72 20.50 2.70
C TYR B 39 14.78 21.35 1.97
N GLU B 40 15.76 21.85 2.73
CA GLU B 40 16.94 22.50 2.22
C GLU B 40 18.20 21.86 2.83
N VAL B 41 19.13 21.45 1.96
CA VAL B 41 20.42 20.85 2.34
C VAL B 41 21.54 21.70 1.71
N GLU B 42 22.41 22.27 2.56
CA GLU B 42 23.52 23.13 2.13
C GLU B 42 24.82 22.33 2.15
N ILE B 43 25.36 22.02 0.96
CA ILE B 43 26.61 21.28 0.83
C ILE B 43 27.75 22.27 1.06
N LYS B 44 28.54 22.02 2.10
CA LYS B 44 29.53 22.99 2.55
C LYS B 44 30.70 22.31 3.25
N PRO B 45 31.91 22.89 3.16
CA PRO B 45 33.09 22.34 3.81
C PRO B 45 33.06 22.62 5.32
N PHE B 46 33.82 21.79 6.07
CA PHE B 46 33.88 21.78 7.52
C PHE B 46 35.07 20.91 7.91
N THR B 47 35.53 21.05 9.17
CA THR B 47 36.60 20.21 9.70
C THR B 47 36.05 19.29 10.80
N HIS B 48 36.78 18.20 11.04
CA HIS B 48 36.46 17.31 12.14
C HIS B 48 37.78 16.75 12.69
N GLN B 49 37.88 16.84 14.02
CA GLN B 49 38.98 16.37 14.79
C GLN B 49 38.81 14.86 14.95
N VAL B 50 39.31 14.10 13.96
CA VAL B 50 39.13 12.64 13.95
C VAL B 50 40.12 12.03 14.95
N TYR B 51 41.37 12.48 14.89
CA TYR B 51 42.40 12.01 15.78
C TYR B 51 42.55 13.01 16.93
N PRO B 52 42.28 12.63 18.21
CA PRO B 52 42.35 13.56 19.33
C PRO B 52 43.67 14.32 19.54
N ASP B 53 44.79 13.74 19.08
CA ASP B 53 46.11 14.26 19.40
C ASP B 53 46.75 14.92 18.17
N LEU B 54 46.02 15.06 17.06
CA LEU B 54 46.61 15.49 15.79
C LEU B 54 45.78 16.66 15.25
N GLY B 55 46.10 17.11 14.04
CA GLY B 55 45.27 18.08 13.32
C GLY B 55 43.90 17.52 12.92
N SER B 56 43.12 18.38 12.26
CA SER B 56 41.78 18.07 11.80
C SER B 56 41.82 17.50 10.37
N ALA B 57 40.67 16.95 9.96
CA ALA B 57 40.43 16.52 8.61
C ALA B 57 39.47 17.49 7.92
N ASP B 58 39.73 17.76 6.64
CA ASP B 58 38.87 18.61 5.80
C ASP B 58 37.85 17.71 5.10
N LEU B 59 36.57 18.07 5.25
CA LEU B 59 35.43 17.34 4.74
C LEU B 59 34.45 18.33 4.11
N VAL B 60 33.58 17.80 3.25
CA VAL B 60 32.52 18.54 2.58
C VAL B 60 31.27 17.69 2.70
N GLY B 61 30.27 18.18 3.42
CA GLY B 61 29.12 17.39 3.81
C GLY B 61 27.81 18.10 3.50
N TYR B 62 26.75 17.29 3.45
CA TYR B 62 25.38 17.80 3.43
C TYR B 62 25.06 18.42 4.80
N ASP B 63 24.68 19.70 4.81
CA ASP B 63 24.45 20.49 6.06
C ASP B 63 25.72 20.47 6.92
N GLY B 64 26.88 20.42 6.27
CA GLY B 64 28.17 20.61 6.94
C GLY B 64 28.51 19.49 7.92
N MET B 65 28.03 18.28 7.64
CA MET B 65 28.30 17.12 8.49
C MET B 65 28.43 15.85 7.64
N SER B 66 29.11 14.86 8.21
CA SER B 66 29.27 13.54 7.63
C SER B 66 29.11 12.48 8.72
N PRO B 67 28.16 11.55 8.56
CA PRO B 67 27.26 11.44 7.42
C PRO B 67 26.23 12.58 7.35
N GLY B 68 25.58 12.71 6.19
CA GLY B 68 24.49 13.60 6.03
C GLY B 68 23.39 13.27 7.03
N PRO B 69 22.47 14.23 7.33
CA PRO B 69 21.40 13.97 8.28
C PRO B 69 20.39 12.97 7.71
N THR B 70 19.83 12.12 8.59
CA THR B 70 18.93 11.06 8.17
C THR B 70 17.55 11.66 7.88
N PHE B 71 17.03 11.44 6.66
CA PHE B 71 15.65 11.75 6.35
C PHE B 71 14.76 10.61 6.91
N GLN B 72 13.49 10.92 7.20
CA GLN B 72 12.53 9.95 7.76
C GLN B 72 11.15 10.28 7.20
N VAL B 73 10.88 9.71 6.03
CA VAL B 73 9.71 9.99 5.19
C VAL B 73 8.85 8.73 5.19
N PRO B 74 7.51 8.84 5.33
CA PRO B 74 6.63 7.68 5.19
C PRO B 74 5.98 7.56 3.80
N ARG B 75 5.81 6.33 3.31
CA ARG B 75 5.17 6.07 2.00
C ARG B 75 4.00 7.05 1.86
N GLY B 76 3.80 7.58 0.65
CA GLY B 76 2.67 8.46 0.35
C GLY B 76 3.00 9.95 0.41
N VAL B 77 3.94 10.37 1.25
CA VAL B 77 4.36 11.79 1.31
C VAL B 77 5.48 12.03 0.28
N GLU B 78 5.15 12.81 -0.76
CA GLU B 78 6.13 13.30 -1.75
C GLU B 78 7.04 14.34 -1.10
N THR B 79 8.33 14.35 -1.47
CA THR B 79 9.30 15.31 -0.92
C THR B 79 9.97 16.08 -2.06
N VAL B 80 10.38 17.31 -1.74
CA VAL B 80 11.22 18.16 -2.57
C VAL B 80 12.41 18.61 -1.72
N VAL B 81 13.63 18.26 -2.15
CA VAL B 81 14.86 18.67 -1.45
C VAL B 81 15.61 19.63 -2.37
N ARG B 82 15.98 20.77 -1.80
CA ARG B 82 16.76 21.74 -2.49
C ARG B 82 18.21 21.57 -2.02
N PHE B 83 19.03 20.98 -2.89
CA PHE B 83 20.41 20.72 -2.59
C PHE B 83 21.22 21.92 -3.08
N ILE B 84 21.83 22.64 -2.12
CA ILE B 84 22.52 23.93 -2.38
C ILE B 84 24.05 23.73 -2.32
N ASN B 85 24.70 23.94 -3.47
CA ASN B 85 26.15 23.88 -3.56
C ASN B 85 26.75 25.18 -3.02
N ASN B 86 27.35 25.10 -1.84
CA ASN B 86 28.20 26.17 -1.29
C ASN B 86 29.59 25.60 -1.01
N ALA B 87 30.08 24.82 -1.98
CA ALA B 87 31.32 24.06 -1.85
C ALA B 87 32.31 24.56 -2.91
N GLU B 88 33.33 23.74 -3.21
CA GLU B 88 34.42 24.12 -4.11
C GLU B 88 34.47 23.19 -5.33
N ALA B 89 33.54 22.23 -5.43
CA ALA B 89 33.44 21.33 -6.61
C ALA B 89 31.97 21.05 -6.90
N PRO B 90 31.60 20.67 -8.14
CA PRO B 90 30.19 20.36 -8.44
C PRO B 90 29.64 19.11 -7.74
N ASN B 91 28.31 18.99 -7.72
CA ASN B 91 27.62 17.87 -7.14
C ASN B 91 26.49 17.41 -8.07
N SER B 92 26.03 16.18 -7.85
CA SER B 92 24.82 15.58 -8.45
C SER B 92 24.26 14.57 -7.45
N VAL B 93 23.07 14.84 -6.89
CA VAL B 93 22.56 14.01 -5.81
C VAL B 93 21.71 12.86 -6.37
N HIS B 94 22.07 11.64 -5.98
CA HIS B 94 21.32 10.48 -6.30
C HIS B 94 20.76 9.89 -5.00
N LEU B 95 19.43 9.80 -4.95
CA LEU B 95 18.71 9.06 -3.93
C LEU B 95 18.65 7.58 -4.35
N HIS B 96 19.60 6.80 -3.82
CA HIS B 96 19.80 5.40 -4.16
C HIS B 96 18.71 4.58 -3.46
N GLY B 97 17.85 3.95 -4.26
CA GLY B 97 16.77 3.16 -3.74
C GLY B 97 15.42 3.66 -4.20
N SER B 98 15.39 4.91 -4.70
CA SER B 98 14.14 5.57 -5.15
C SER B 98 14.06 5.51 -6.68
N PHE B 99 12.85 5.27 -7.19
CA PHE B 99 12.57 5.23 -8.67
C PHE B 99 12.22 6.62 -9.19
N SER B 100 13.13 7.58 -8.93
CA SER B 100 12.94 8.98 -9.23
C SER B 100 12.95 9.18 -10.75
N ARG B 101 12.41 10.32 -11.20
CA ARG B 101 12.43 10.62 -12.62
C ARG B 101 13.88 10.86 -13.03
N ALA B 102 14.16 10.65 -14.32
CA ALA B 102 15.52 10.75 -14.88
C ALA B 102 16.24 12.03 -14.39
N ALA B 103 15.48 13.13 -14.24
CA ALA B 103 16.06 14.44 -13.96
C ALA B 103 16.24 14.65 -12.46
N PHE B 104 15.74 13.72 -11.65
CA PHE B 104 15.84 13.81 -10.20
C PHE B 104 16.58 12.58 -9.65
N ASP B 105 17.25 11.83 -10.53
CA ASP B 105 17.89 10.59 -10.16
C ASP B 105 19.39 10.78 -9.90
N GLY B 106 19.91 11.99 -10.13
CA GLY B 106 21.36 12.24 -9.94
C GLY B 106 22.20 11.70 -11.09
N TRP B 107 21.66 11.82 -12.30
CA TRP B 107 22.42 11.62 -13.53
C TRP B 107 23.79 12.31 -13.37
N ALA B 108 24.84 11.64 -13.85
CA ALA B 108 26.21 12.03 -13.53
C ALA B 108 26.61 13.34 -14.24
N GLU B 109 26.04 13.64 -15.41
CA GLU B 109 26.35 14.90 -16.10
C GLU B 109 25.45 16.03 -15.58
N ASP B 110 24.44 15.69 -14.77
CA ASP B 110 23.36 16.61 -14.35
C ASP B 110 23.80 17.32 -13.06
N ILE B 111 24.87 18.11 -13.20
CA ILE B 111 25.61 18.66 -12.05
C ILE B 111 25.03 20.02 -11.63
N THR B 112 25.38 20.39 -10.40
CA THR B 112 25.09 21.66 -9.77
C THR B 112 26.46 22.26 -9.46
N GLU B 113 26.74 23.45 -10.00
CA GLU B 113 28.01 24.11 -9.71
C GLU B 113 27.89 24.82 -8.36
N PRO B 114 29.03 25.13 -7.71
CA PRO B 114 29.05 26.06 -6.59
C PRO B 114 28.38 27.41 -6.94
N GLY B 115 27.58 27.93 -6.00
CA GLY B 115 26.79 29.13 -6.25
C GLY B 115 25.49 28.81 -6.99
N SER B 116 25.15 27.51 -7.12
CA SER B 116 23.88 27.05 -7.68
C SER B 116 23.22 26.03 -6.75
N PHE B 117 21.90 25.87 -6.92
CA PHE B 117 21.13 24.84 -6.21
C PHE B 117 20.32 24.04 -7.26
N LYS B 118 19.76 22.90 -6.84
CA LYS B 118 18.80 22.18 -7.65
C LYS B 118 17.74 21.55 -6.75
N ASP B 119 16.49 21.58 -7.24
CA ASP B 119 15.32 20.99 -6.57
C ASP B 119 15.10 19.55 -7.08
N TYR B 120 15.23 18.59 -6.16
CA TYR B 120 14.95 17.20 -6.40
C TYR B 120 13.55 16.90 -5.85
N TYR B 121 12.74 16.23 -6.66
CA TYR B 121 11.35 15.90 -6.38
C TYR B 121 11.24 14.37 -6.28
N TYR B 122 11.01 13.88 -5.06
CA TYR B 122 11.01 12.42 -4.79
C TYR B 122 9.58 11.89 -4.56
N PRO B 123 9.28 10.69 -5.13
CA PRO B 123 7.95 10.08 -5.07
C PRO B 123 7.56 9.36 -3.77
N ASN B 124 8.50 8.62 -3.16
CA ASN B 124 8.34 8.02 -1.84
C ASN B 124 7.15 7.04 -1.80
N ARG B 125 6.98 6.27 -2.88
N ARG B 125 6.93 6.28 -2.88
CA ARG B 125 5.82 5.37 -3.06
CA ARG B 125 5.78 5.35 -2.96
C ARG B 125 6.23 3.89 -2.95
C ARG B 125 6.23 3.89 -3.04
N GLN B 126 7.56 3.62 -2.94
CA GLN B 126 8.08 2.22 -3.01
C GLN B 126 7.94 1.53 -1.64
N SER B 127 8.19 0.22 -1.61
CA SER B 127 8.23 -0.51 -0.36
C SER B 127 9.18 0.19 0.63
N ALA B 128 8.73 0.29 1.89
CA ALA B 128 9.59 0.70 2.98
C ALA B 128 10.95 0.01 2.81
N ARG B 129 11.99 0.84 2.72
CA ARG B 129 13.35 0.40 2.53
C ARG B 129 14.26 1.42 3.21
N THR B 130 15.52 1.03 3.43
CA THR B 130 16.60 1.97 3.73
C THR B 130 17.19 2.45 2.39
N LEU B 131 16.91 3.71 2.03
CA LEU B 131 17.56 4.36 0.92
C LEU B 131 18.81 5.06 1.47
N TRP B 132 19.61 5.61 0.56
CA TRP B 132 20.68 6.51 0.92
C TRP B 132 20.92 7.48 -0.26
N TYR B 133 21.22 8.73 0.10
CA TYR B 133 21.49 9.83 -0.83
C TYR B 133 23.00 10.07 -0.81
N HIS B 134 23.58 10.22 -1.99
CA HIS B 134 25.02 10.45 -2.11
C HIS B 134 25.32 11.07 -3.47
N ASP B 135 26.57 11.47 -3.65
CA ASP B 135 26.97 12.20 -4.82
C ASP B 135 27.21 11.25 -6.00
N HIS B 136 26.92 11.75 -7.20
CA HIS B 136 27.03 10.99 -8.42
C HIS B 136 27.67 11.82 -9.54
N ALA B 137 28.33 12.94 -9.22
CA ALA B 137 28.87 13.85 -10.28
C ALA B 137 29.96 13.13 -11.06
N MET B 138 29.99 13.38 -12.37
CA MET B 138 30.82 12.65 -13.32
C MET B 138 32.30 12.87 -13.01
N HIS B 139 33.00 11.73 -12.90
CA HIS B 139 34.50 11.60 -12.76
C HIS B 139 35.02 11.93 -11.35
N ILE B 140 34.19 12.49 -10.46
CA ILE B 140 34.64 12.93 -9.13
C ILE B 140 33.71 12.41 -8.04
N THR B 141 32.96 11.33 -8.32
CA THR B 141 32.05 10.75 -7.32
C THR B 141 32.83 10.17 -6.12
N ALA B 142 34.01 9.57 -6.36
CA ALA B 142 34.77 8.93 -5.26
C ALA B 142 35.12 10.00 -4.20
N GLU B 143 35.77 11.09 -4.63
CA GLU B 143 36.28 12.11 -3.71
C GLU B 143 35.10 12.80 -2.99
N ASN B 144 34.01 13.08 -3.73
CA ASN B 144 32.83 13.74 -3.15
C ASN B 144 32.24 12.86 -2.04
N ALA B 145 32.09 11.56 -2.31
CA ALA B 145 31.55 10.64 -1.33
C ALA B 145 32.54 10.50 -0.16
N TYR B 146 33.81 10.26 -0.48
CA TYR B 146 34.89 10.07 0.49
C TYR B 146 34.91 11.24 1.48
N ARG B 147 34.81 12.48 0.98
CA ARG B 147 34.96 13.68 1.81
C ARG B 147 33.71 13.93 2.66
N GLY B 148 32.57 13.28 2.32
CA GLY B 148 31.45 13.11 3.27
C GLY B 148 30.05 13.24 2.66
N GLN B 149 29.91 13.25 1.33
CA GLN B 149 28.58 13.47 0.74
C GLN B 149 27.84 12.12 0.65
N ALA B 150 27.33 11.67 1.79
CA ALA B 150 26.48 10.46 1.86
C ALA B 150 25.64 10.49 3.15
N GLY B 151 24.35 10.17 3.04
CA GLY B 151 23.43 10.08 4.20
C GLY B 151 22.29 9.10 3.98
N LEU B 152 21.61 8.74 5.09
CA LEU B 152 20.47 7.84 5.07
C LEU B 152 19.18 8.60 4.75
N TYR B 153 18.28 7.87 4.08
CA TYR B 153 16.92 8.27 3.77
C TYR B 153 16.02 7.06 4.08
N MET B 154 15.42 7.05 5.28
CA MET B 154 14.53 5.96 5.69
C MET B 154 13.10 6.24 5.19
N LEU B 155 12.60 5.38 4.31
CA LEU B 155 11.20 5.36 3.86
C LEU B 155 10.44 4.34 4.72
N THR B 156 9.35 4.78 5.37
CA THR B 156 8.61 4.00 6.42
C THR B 156 7.20 3.63 5.92
N ASP B 157 6.64 2.53 6.47
CA ASP B 157 5.24 2.10 6.21
C ASP B 157 4.59 1.67 7.53
N PRO B 158 3.40 2.21 7.90
CA PRO B 158 2.72 1.77 9.12
C PRO B 158 2.36 0.26 9.18
N ALA B 159 2.27 -0.41 8.02
CA ALA B 159 2.08 -1.87 7.99
C ALA B 159 3.34 -2.58 8.49
N GLU B 160 4.52 -2.03 8.14
CA GLU B 160 5.83 -2.54 8.59
C GLU B 160 6.01 -2.29 10.09
N ASP B 161 5.50 -1.15 10.58
CA ASP B 161 5.56 -0.79 12.01
C ASP B 161 4.75 -1.82 12.80
N ALA B 162 3.61 -2.25 12.27
CA ALA B 162 2.73 -3.27 12.89
C ALA B 162 3.49 -4.55 13.24
N LEU B 163 4.48 -4.94 12.40
CA LEU B 163 5.30 -6.16 12.62
C LEU B 163 5.97 -6.16 14.01
N ASN B 164 6.19 -4.97 14.59
CA ASN B 164 6.72 -4.83 15.99
C ASN B 164 8.19 -5.29 16.05
N LEU B 165 8.95 -4.92 15.02
CA LEU B 165 10.40 -5.08 15.00
C LEU B 165 11.00 -4.02 15.93
N PRO B 166 12.23 -4.21 16.45
CA PRO B 166 12.84 -3.21 17.31
C PRO B 166 12.79 -1.84 16.59
N SER B 167 12.44 -0.80 17.35
CA SER B 167 12.06 0.47 16.74
C SER B 167 12.65 1.64 17.54
N GLY B 168 12.49 2.84 16.97
CA GLY B 168 12.99 4.11 17.50
C GLY B 168 14.35 4.44 16.92
N TYR B 169 14.42 5.34 15.93
CA TYR B 169 15.70 5.80 15.41
C TYR B 169 16.57 6.24 16.59
N GLY B 170 17.77 5.61 16.72
CA GLY B 170 18.72 5.94 17.79
C GLY B 170 18.46 5.20 19.09
N GLU B 171 17.26 4.64 19.27
CA GLU B 171 16.92 3.85 20.46
C GLU B 171 17.28 2.38 20.22
N PHE B 172 16.44 1.67 19.46
CA PHE B 172 16.62 0.26 19.16
C PHE B 172 16.68 0.03 17.64
N ASP B 173 16.69 1.12 16.87
CA ASP B 173 16.89 1.10 15.41
C ASP B 173 18.08 2.02 15.11
N ILE B 174 19.23 1.39 14.78
CA ILE B 174 20.55 2.00 14.79
C ILE B 174 21.16 2.02 13.39
N PRO B 175 21.40 3.22 12.81
CA PRO B 175 22.15 3.34 11.57
C PRO B 175 23.60 2.88 11.76
N MET B 176 24.11 2.16 10.74
CA MET B 176 25.46 1.60 10.71
C MET B 176 26.00 1.80 9.29
N ILE B 177 26.35 3.05 8.97
CA ILE B 177 27.00 3.40 7.72
C ILE B 177 28.50 3.07 7.85
N LEU B 178 28.98 2.14 7.02
CA LEU B 178 30.39 1.73 7.04
C LEU B 178 31.17 2.54 5.99
N THR B 179 32.36 3.02 6.37
CA THR B 179 33.33 3.57 5.40
C THR B 179 34.75 3.11 5.79
N SER B 180 35.69 3.31 4.86
CA SER B 180 37.08 2.86 4.97
C SER B 180 37.99 3.90 4.31
N LYS B 181 38.75 4.63 5.13
CA LYS B 181 39.60 5.75 4.65
C LYS B 181 41.03 5.59 5.17
N GLN B 182 41.91 6.46 4.66
CA GLN B 182 43.30 6.55 5.11
C GLN B 182 43.61 8.00 5.50
N TYR B 183 44.36 8.18 6.60
CA TYR B 183 44.69 9.50 7.15
C TYR B 183 46.20 9.74 7.02
N THR B 184 46.56 11.03 6.94
CA THR B 184 47.94 11.52 6.95
C THR B 184 48.46 11.42 8.40
N ALA B 185 49.75 11.69 8.60
CA ALA B 185 50.40 11.77 9.96
C ALA B 185 49.74 12.85 10.85
N ASN B 186 49.14 13.87 10.23
CA ASN B 186 48.60 15.06 10.90
C ASN B 186 47.08 14.99 11.11
N GLY B 187 46.46 13.85 10.78
CA GLY B 187 45.06 13.58 11.10
C GLY B 187 44.11 14.09 10.03
N ASN B 188 44.64 14.49 8.87
CA ASN B 188 43.83 14.86 7.69
C ASN B 188 43.60 13.62 6.84
N LEU B 189 42.72 13.73 5.83
CA LEU B 189 42.47 12.62 4.87
C LEU B 189 43.51 12.64 3.73
N VAL B 190 43.95 11.41 3.39
CA VAL B 190 44.59 11.09 2.12
C VAL B 190 43.50 11.09 1.03
N THR B 191 43.65 12.03 0.07
CA THR B 191 42.75 12.14 -1.08
C THR B 191 42.74 10.81 -1.85
N THR B 192 41.58 10.52 -2.46
CA THR B 192 41.39 9.47 -3.47
C THR B 192 41.76 9.99 -4.88
N ASN B 193 42.04 11.29 -5.02
CA ASN B 193 42.32 11.91 -6.33
C ASN B 193 43.56 11.23 -6.92
N GLY B 194 43.46 10.89 -8.21
CA GLY B 194 44.51 10.25 -9.00
C GLY B 194 44.44 8.72 -9.02
N GLU B 195 43.67 8.12 -8.10
CA GLU B 195 43.65 6.66 -7.92
C GLU B 195 42.75 6.06 -9.00
N LEU B 196 43.28 5.01 -9.66
CA LEU B 196 42.66 4.41 -10.81
C LEU B 196 42.30 2.93 -10.58
N ASN B 197 42.82 2.30 -9.51
CA ASN B 197 42.63 0.88 -9.29
C ASN B 197 41.51 0.65 -8.24
N SER B 198 41.76 1.02 -6.98
CA SER B 198 40.80 0.89 -5.88
C SER B 198 41.41 1.63 -4.68
N PHE B 199 40.55 2.26 -3.87
CA PHE B 199 41.02 2.92 -2.68
C PHE B 199 40.45 2.21 -1.44
N TRP B 200 41.24 1.29 -0.88
CA TRP B 200 40.75 0.39 0.16
C TRP B 200 40.49 1.18 1.46
N GLY B 201 41.46 2.02 1.86
CA GLY B 201 41.54 2.60 3.20
C GLY B 201 41.87 1.54 4.27
N ASP B 202 42.52 1.98 5.35
CA ASP B 202 43.00 1.13 6.45
C ASP B 202 42.33 1.50 7.78
N VAL B 203 41.35 2.39 7.76
CA VAL B 203 40.65 2.81 8.97
C VAL B 203 39.14 2.63 8.75
N ILE B 204 38.52 1.80 9.60
CA ILE B 204 37.13 1.45 9.43
C ILE B 204 36.30 2.40 10.28
N HIS B 205 35.27 3.00 9.67
CA HIS B 205 34.36 3.95 10.34
C HIS B 205 32.95 3.38 10.43
N VAL B 206 32.25 3.72 11.51
CA VAL B 206 30.81 3.57 11.59
C VAL B 206 30.22 4.96 11.86
N ASN B 207 29.16 5.31 11.10
CA ASN B 207 28.51 6.63 11.13
C ASN B 207 29.56 7.77 11.19
N GLY B 208 30.64 7.64 10.39
CA GLY B 208 31.66 8.69 10.25
C GLY B 208 32.74 8.64 11.31
N GLN B 209 32.67 7.67 12.23
CA GLN B 209 33.56 7.61 13.40
C GLN B 209 34.41 6.34 13.36
N PRO B 210 35.76 6.46 13.25
CA PRO B 210 36.67 5.32 13.40
C PRO B 210 36.42 4.50 14.67
N TRP B 211 36.26 3.19 14.49
CA TRP B 211 36.29 2.15 15.52
C TRP B 211 35.58 2.60 16.79
N PRO B 212 34.26 2.91 16.71
CA PRO B 212 33.52 3.40 17.87
C PRO B 212 33.14 2.23 18.79
N PHE B 213 32.62 2.55 19.98
CA PHE B 213 31.88 1.60 20.84
C PHE B 213 30.43 2.10 20.97
N LYS B 214 29.52 1.23 21.43
CA LYS B 214 28.19 1.67 21.89
C LYS B 214 27.75 0.82 23.08
N ASN B 215 27.21 1.51 24.11
CA ASN B 215 26.55 0.87 25.26
C ASN B 215 25.17 0.38 24.80
N VAL B 216 24.93 -0.93 24.93
CA VAL B 216 23.64 -1.53 24.54
C VAL B 216 23.08 -2.31 25.73
N GLU B 217 21.75 -2.42 25.75
CA GLU B 217 20.98 -3.26 26.68
C GLU B 217 20.96 -4.69 26.14
N PRO B 218 20.90 -5.72 27.01
CA PRO B 218 20.82 -7.11 26.56
C PRO B 218 19.43 -7.47 25.98
N ARG B 219 19.16 -7.01 24.76
CA ARG B 219 17.89 -7.23 24.09
C ARG B 219 18.11 -7.18 22.57
N LYS B 220 17.05 -7.01 21.79
CA LYS B 220 17.12 -7.02 20.33
C LYS B 220 17.22 -5.59 19.78
N TYR B 221 18.14 -5.40 18.84
CA TYR B 221 18.30 -4.16 18.07
C TYR B 221 18.15 -4.45 16.55
N ARG B 222 17.58 -3.46 15.85
CA ARG B 222 17.56 -3.37 14.38
C ARG B 222 18.79 -2.56 13.95
N PHE B 223 19.74 -3.19 13.24
CA PHE B 223 20.88 -2.48 12.70
C PHE B 223 20.73 -2.36 11.18
N ARG B 224 20.75 -1.12 10.67
CA ARG B 224 20.69 -0.84 9.24
C ARG B 224 22.11 -0.62 8.69
N PHE B 225 22.70 -1.67 8.12
CA PHE B 225 24.05 -1.59 7.53
C PHE B 225 23.94 -1.01 6.12
N LEU B 226 24.86 -0.08 5.81
CA LEU B 226 25.11 0.43 4.47
C LEU B 226 26.61 0.41 4.22
N ASP B 227 27.08 -0.13 3.10
CA ASP B 227 28.49 0.05 2.71
C ASP B 227 28.58 1.33 1.86
N ALA B 228 29.04 2.42 2.50
CA ALA B 228 29.26 3.71 1.82
C ALA B 228 30.76 3.92 1.53
N ALA B 229 31.53 2.82 1.51
CA ALA B 229 32.96 2.89 1.28
C ALA B 229 33.19 3.26 -0.19
N VAL B 230 34.41 3.77 -0.46
CA VAL B 230 34.82 3.96 -1.84
C VAL B 230 34.99 2.60 -2.52
N SER B 231 35.81 1.71 -1.93
CA SER B 231 36.25 0.44 -2.57
C SER B 231 36.14 -0.79 -1.66
N ARG B 232 35.97 -0.62 -0.34
CA ARG B 232 36.06 -1.74 0.60
C ARG B 232 34.71 -2.43 0.69
N SER B 233 34.72 -3.72 0.31
CA SER B 233 33.72 -4.73 0.64
C SER B 233 34.04 -5.39 2.00
N PHE B 234 32.98 -5.83 2.70
CA PHE B 234 33.05 -6.38 4.05
C PHE B 234 32.40 -7.77 4.14
N GLY B 235 32.90 -8.61 5.06
CA GLY B 235 32.21 -9.80 5.53
C GLY B 235 32.00 -9.72 7.05
N LEU B 236 30.83 -9.19 7.47
CA LEU B 236 30.53 -8.82 8.85
C LEU B 236 30.13 -10.02 9.71
N TYR B 237 30.52 -9.97 10.99
CA TYR B 237 30.18 -11.01 11.97
C TYR B 237 30.44 -10.47 13.37
N PHE B 238 29.67 -10.98 14.34
CA PHE B 238 29.73 -10.58 15.72
C PHE B 238 30.47 -11.67 16.51
N ALA B 239 31.32 -11.24 17.45
CA ALA B 239 32.00 -12.14 18.39
C ALA B 239 32.14 -11.46 19.76
N ASP B 240 31.71 -12.19 20.80
CA ASP B 240 32.12 -12.01 22.17
C ASP B 240 33.66 -11.93 22.19
N THR B 241 34.21 -11.02 23.01
CA THR B 241 35.66 -10.82 23.08
C THR B 241 36.32 -11.98 23.85
N ASP B 242 35.52 -12.77 24.59
CA ASP B 242 35.98 -13.99 25.29
C ASP B 242 36.28 -15.13 24.31
N ALA B 243 35.57 -15.11 23.16
CA ALA B 243 35.76 -16.05 22.03
C ALA B 243 35.63 -15.28 20.71
N ILE B 244 36.73 -14.63 20.31
CA ILE B 244 36.72 -13.54 19.28
C ILE B 244 36.63 -14.09 17.83
N ASP B 245 36.76 -15.41 17.67
CA ASP B 245 36.62 -16.05 16.36
C ASP B 245 35.29 -16.81 16.24
N THR B 246 34.54 -16.95 17.35
CA THR B 246 33.27 -17.67 17.32
C THR B 246 32.15 -16.72 16.90
N ARG B 247 31.61 -16.95 15.69
CA ARG B 247 30.58 -16.13 15.05
C ARG B 247 29.25 -16.34 15.79
N LEU B 248 28.62 -15.25 16.21
CA LEU B 248 27.32 -15.29 16.87
C LEU B 248 26.22 -15.13 15.82
N PRO B 249 25.14 -15.93 15.90
CA PRO B 249 24.06 -15.82 14.93
C PRO B 249 23.21 -14.55 15.14
N PHE B 250 22.68 -14.06 14.01
CA PHE B 250 21.75 -12.92 13.92
C PHE B 250 20.77 -13.25 12.77
N LYS B 251 19.87 -12.32 12.47
CA LYS B 251 18.88 -12.48 11.39
C LYS B 251 18.91 -11.26 10.47
N VAL B 252 18.95 -11.52 9.16
CA VAL B 252 18.79 -10.50 8.14
C VAL B 252 17.28 -10.37 7.84
N ILE B 253 16.73 -9.20 8.08
CA ILE B 253 15.32 -8.99 7.84
C ILE B 253 15.07 -8.23 6.52
N ALA B 254 16.07 -7.51 5.99
CA ALA B 254 15.87 -6.73 4.75
C ALA B 254 17.16 -6.61 3.94
N SER B 255 16.94 -6.27 2.66
CA SER B 255 17.95 -6.01 1.64
C SER B 255 17.66 -4.64 1.03
N ASP B 256 18.40 -4.27 -0.01
CA ASP B 256 18.34 -2.94 -0.62
C ASP B 256 16.90 -2.40 -0.74
N SER B 257 16.00 -3.24 -1.28
CA SER B 257 14.67 -2.79 -1.71
C SER B 257 13.61 -2.97 -0.61
N GLY B 258 14.02 -3.44 0.58
CA GLY B 258 13.09 -3.74 1.68
C GLY B 258 13.16 -5.19 2.16
N LEU B 259 12.16 -5.55 2.99
CA LEU B 259 12.12 -6.81 3.78
C LEU B 259 12.24 -8.03 2.87
N LEU B 260 12.86 -9.07 3.41
CA LEU B 260 12.83 -10.39 2.81
C LEU B 260 11.46 -11.01 3.11
N GLU B 261 11.11 -12.09 2.42
CA GLU B 261 9.89 -12.87 2.76
C GLU B 261 9.96 -13.30 4.23
N HIS B 262 11.10 -13.87 4.61
CA HIS B 262 11.36 -14.33 5.96
C HIS B 262 12.78 -13.96 6.37
N PRO B 263 13.05 -13.84 7.69
CA PRO B 263 14.41 -13.61 8.17
C PRO B 263 15.36 -14.72 7.73
N ALA B 264 16.57 -14.36 7.31
CA ALA B 264 17.61 -15.31 7.00
C ALA B 264 18.58 -15.41 8.19
N ASP B 265 18.52 -16.55 8.88
CA ASP B 265 19.47 -16.87 9.93
C ASP B 265 20.85 -16.91 9.29
N THR B 266 21.77 -16.13 9.87
CA THR B 266 23.04 -15.76 9.26
C THR B 266 24.07 -15.58 10.38
N SER B 267 25.30 -16.05 10.13
CA SER B 267 26.40 -15.79 11.06
C SER B 267 27.52 -14.99 10.35
N LEU B 268 27.43 -14.87 9.03
CA LEU B 268 28.35 -14.03 8.25
C LEU B 268 27.57 -13.31 7.15
N LEU B 269 27.71 -11.97 7.10
CA LEU B 269 27.01 -11.15 6.15
C LEU B 269 28.03 -10.47 5.21
N TYR B 270 28.05 -10.89 3.94
CA TYR B 270 28.75 -10.15 2.90
C TYR B 270 27.96 -8.88 2.60
N ILE B 271 28.70 -7.77 2.48
CA ILE B 271 28.14 -6.50 2.06
C ILE B 271 29.21 -5.70 1.29
N SER B 272 28.85 -5.28 0.07
CA SER B 272 29.72 -4.58 -0.87
C SER B 272 29.13 -3.19 -1.14
N MET B 273 29.88 -2.38 -1.90
CA MET B 273 29.60 -0.96 -2.00
C MET B 273 28.15 -0.73 -2.46
N ALA B 274 27.46 0.10 -1.67
CA ALA B 274 26.09 0.64 -1.93
C ALA B 274 25.00 -0.33 -1.45
N GLU B 275 25.40 -1.54 -1.05
CA GLU B 275 24.45 -2.52 -0.55
C GLU B 275 23.96 -2.06 0.83
N ARG B 276 22.68 -2.33 1.11
CA ARG B 276 22.04 -2.08 2.39
CA ARG B 276 22.05 -2.09 2.42
C ARG B 276 21.47 -3.43 2.90
N TYR B 277 21.75 -3.80 4.15
CA TYR B 277 21.13 -4.98 4.76
C TYR B 277 20.70 -4.60 6.17
N GLU B 278 19.44 -4.85 6.51
CA GLU B 278 18.96 -4.59 7.87
C GLU B 278 19.00 -5.92 8.62
N VAL B 279 19.57 -5.86 9.83
CA VAL B 279 19.86 -7.00 10.67
C VAL B 279 19.14 -6.81 12.01
N VAL B 280 18.77 -7.93 12.67
CA VAL B 280 18.38 -7.89 14.06
C VAL B 280 19.33 -8.79 14.83
N PHE B 281 20.13 -8.19 15.75
CA PHE B 281 20.94 -8.91 16.72
C PHE B 281 20.20 -8.94 18.07
N ASP B 282 20.21 -10.10 18.72
CA ASP B 282 19.69 -10.31 20.07
C ASP B 282 20.88 -10.43 21.05
N PHE B 283 21.03 -9.42 21.90
CA PHE B 283 22.15 -9.32 22.85
C PHE B 283 21.84 -10.00 24.19
N SER B 284 20.65 -10.59 24.34
CA SER B 284 20.12 -11.00 25.65
C SER B 284 20.95 -12.15 26.25
N ASP B 285 21.60 -12.97 25.41
CA ASP B 285 22.46 -14.07 25.92
C ASP B 285 23.88 -13.56 26.23
N TYR B 286 24.13 -12.25 26.08
CA TYR B 286 25.48 -11.72 26.23
C TYR B 286 25.43 -10.50 27.16
N ALA B 287 24.57 -10.57 28.20
CA ALA B 287 24.48 -9.53 29.23
C ALA B 287 25.81 -9.42 29.95
N GLY B 288 26.32 -8.19 30.08
CA GLY B 288 27.59 -7.94 30.73
C GLY B 288 28.79 -8.43 29.94
N LYS B 289 28.63 -8.72 28.63
CA LYS B 289 29.75 -9.06 27.76
C LYS B 289 30.04 -7.88 26.83
N THR B 290 31.19 -7.93 26.15
CA THR B 290 31.50 -7.04 25.04
C THR B 290 31.43 -7.85 23.74
N ILE B 291 30.61 -7.37 22.78
CA ILE B 291 30.53 -7.93 21.42
C ILE B 291 31.29 -7.02 20.43
N GLU B 292 32.14 -7.64 19.61
CA GLU B 292 32.92 -6.96 18.61
C GLU B 292 32.32 -7.29 17.25
N LEU B 293 31.90 -6.24 16.53
CA LEU B 293 31.58 -6.38 15.15
C LEU B 293 32.92 -6.47 14.41
N ARG B 294 33.14 -7.57 13.70
CA ARG B 294 34.37 -7.86 13.02
C ARG B 294 34.11 -8.03 11.52
N ASN B 295 35.21 -7.97 10.75
CA ASN B 295 35.20 -8.01 9.30
C ASN B 295 36.17 -9.11 8.86
N LEU B 296 35.69 -9.99 8.00
CA LEU B 296 36.41 -11.15 7.51
C LEU B 296 37.66 -10.68 6.72
N GLY B 297 38.76 -11.40 6.91
CA GLY B 297 40.00 -11.12 6.20
C GLY B 297 40.20 -12.06 5.01
N GLY B 298 41.39 -11.94 4.40
CA GLY B 298 41.76 -12.73 3.25
C GLY B 298 40.96 -12.28 2.05
N SER B 299 40.83 -10.95 1.90
CA SER B 299 39.99 -10.31 0.87
C SER B 299 38.56 -10.90 0.91
N ILE B 300 37.88 -10.66 2.05
CA ILE B 300 36.54 -11.16 2.37
C ILE B 300 36.48 -12.66 2.06
N GLY B 301 37.36 -13.43 2.68
CA GLY B 301 37.33 -14.89 2.59
C GLY B 301 37.33 -15.40 1.16
N GLY B 302 38.11 -14.72 0.30
CA GLY B 302 38.39 -15.16 -1.05
C GLY B 302 37.37 -14.68 -2.07
N ILE B 303 36.33 -13.96 -1.63
CA ILE B 303 35.38 -13.42 -2.55
C ILE B 303 35.97 -12.18 -3.24
N GLY B 304 36.80 -11.42 -2.52
CA GLY B 304 37.27 -10.10 -2.98
C GLY B 304 38.75 -10.06 -3.34
N THR B 305 39.23 -8.85 -3.64
CA THR B 305 40.66 -8.57 -3.90
C THR B 305 41.16 -7.49 -2.93
N ASP B 306 40.24 -6.94 -2.14
CA ASP B 306 40.52 -5.86 -1.18
C ASP B 306 41.74 -6.20 -0.33
N THR B 307 42.56 -5.17 -0.07
CA THR B 307 43.70 -5.27 0.83
C THR B 307 43.18 -5.31 2.28
N ASP B 308 43.87 -6.12 3.09
CA ASP B 308 43.62 -6.19 4.52
C ASP B 308 44.79 -5.51 5.24
N TYR B 309 44.48 -4.67 6.23
CA TYR B 309 45.48 -4.07 7.10
C TYR B 309 45.29 -4.60 8.54
N ASP B 310 46.16 -4.15 9.45
CA ASP B 310 46.28 -4.64 10.84
C ASP B 310 44.94 -4.56 11.59
N ASN B 311 44.14 -3.51 11.36
CA ASN B 311 42.92 -3.27 12.14
C ASN B 311 41.64 -3.25 11.29
N THR B 312 41.70 -3.72 10.02
CA THR B 312 40.48 -3.73 9.18
C THR B 312 39.61 -4.97 9.45
N ASP B 313 40.02 -5.80 10.41
CA ASP B 313 39.24 -6.89 10.95
C ASP B 313 38.29 -6.38 12.04
N LYS B 314 38.42 -5.11 12.42
CA LYS B 314 37.62 -4.52 13.50
C LYS B 314 36.69 -3.44 12.93
N VAL B 315 35.48 -3.40 13.47
CA VAL B 315 34.53 -2.36 13.04
C VAL B 315 34.15 -1.54 14.27
N MET B 316 33.56 -2.21 15.27
CA MET B 316 33.17 -1.54 16.48
C MET B 316 32.81 -2.59 17.55
N ARG B 317 32.56 -2.08 18.78
CA ARG B 317 32.25 -2.90 19.95
C ARG B 317 30.92 -2.44 20.57
N PHE B 318 30.14 -3.42 21.01
CA PHE B 318 28.95 -3.16 21.79
C PHE B 318 29.21 -3.64 23.21
N VAL B 319 29.04 -2.73 24.18
CA VAL B 319 29.14 -3.06 25.59
C VAL B 319 27.72 -3.33 26.10
N VAL B 320 27.49 -4.57 26.48
CA VAL B 320 26.16 -5.04 26.82
C VAL B 320 25.99 -4.90 28.33
N ALA B 321 24.95 -4.13 28.73
CA ALA B 321 24.55 -3.97 30.15
C ALA B 321 24.06 -5.32 30.74
N ASP B 322 23.94 -5.39 32.08
CA ASP B 322 23.54 -6.63 32.79
C ASP B 322 22.02 -6.84 32.69
N ASP B 323 21.24 -5.74 32.66
CA ASP B 323 19.77 -5.78 32.63
C ASP B 323 19.26 -4.78 31.58
N THR B 324 17.97 -4.87 31.24
CA THR B 324 17.32 -3.89 30.38
C THR B 324 16.51 -2.92 31.26
N THR B 325 16.37 -1.68 30.80
CA THR B 325 15.58 -0.66 31.51
C THR B 325 14.12 -1.15 31.52
N GLN B 326 13.44 -1.05 30.37
CA GLN B 326 12.09 -1.65 30.14
C GLN B 326 12.25 -3.03 29.48
N PRO B 327 11.31 -4.00 29.68
CA PRO B 327 11.33 -5.28 28.96
C PRO B 327 11.30 -5.17 27.44
N ASP B 328 11.93 -6.15 26.78
CA ASP B 328 11.95 -6.28 25.33
C ASP B 328 10.63 -6.93 24.83
N THR B 329 9.73 -6.14 24.24
CA THR B 329 8.44 -6.63 23.68
C THR B 329 8.50 -6.72 22.14
N SER B 330 9.64 -6.37 21.54
CA SER B 330 9.80 -6.48 20.08
C SER B 330 9.93 -7.95 19.68
N VAL B 331 9.51 -8.27 18.45
CA VAL B 331 9.62 -9.63 17.86
C VAL B 331 10.24 -9.53 16.45
N VAL B 332 10.75 -10.68 15.97
CA VAL B 332 11.16 -10.85 14.57
C VAL B 332 10.26 -11.93 13.95
N PRO B 333 9.12 -11.55 13.35
CA PRO B 333 8.22 -12.53 12.74
C PRO B 333 8.93 -13.47 11.75
N ALA B 334 8.50 -14.74 11.76
CA ALA B 334 8.88 -15.73 10.74
C ALA B 334 8.54 -15.20 9.33
N ASN B 335 7.43 -14.44 9.24
CA ASN B 335 6.85 -14.03 7.97
C ASN B 335 6.83 -12.50 7.96
N LEU B 336 7.65 -11.91 7.09
CA LEU B 336 7.88 -10.46 7.10
C LEU B 336 6.98 -9.78 6.07
N ARG B 337 6.92 -10.32 4.84
CA ARG B 337 6.07 -9.74 3.79
C ARG B 337 5.99 -10.66 2.57
N ASP B 338 5.07 -10.28 1.66
CA ASP B 338 4.93 -10.83 0.32
C ASP B 338 5.75 -10.00 -0.67
N VAL B 339 6.94 -10.52 -0.99
CA VAL B 339 7.90 -9.81 -1.82
C VAL B 339 7.32 -9.72 -3.24
N PRO B 340 7.25 -8.50 -3.82
CA PRO B 340 6.70 -8.31 -5.16
C PRO B 340 7.73 -8.64 -6.24
N PHE B 341 8.02 -9.93 -6.38
CA PHE B 341 8.92 -10.42 -7.41
C PHE B 341 8.35 -10.06 -8.79
N PRO B 342 9.21 -9.86 -9.82
CA PRO B 342 8.70 -9.69 -11.18
C PRO B 342 8.20 -11.00 -11.79
N SER B 343 7.31 -10.88 -12.80
CA SER B 343 6.88 -12.00 -13.64
C SER B 343 8.07 -12.61 -14.35
N PRO B 344 8.44 -13.87 -14.03
CA PRO B 344 9.55 -14.52 -14.72
C PRO B 344 9.45 -14.34 -16.24
N THR B 345 10.59 -14.20 -16.92
CA THR B 345 10.65 -14.13 -18.37
C THR B 345 11.60 -15.20 -18.89
N THR B 346 11.27 -15.71 -20.08
CA THR B 346 12.05 -16.75 -20.75
C THR B 346 12.91 -16.11 -21.86
N ASN B 347 12.85 -14.77 -22.00
CA ASN B 347 13.75 -14.01 -22.90
C ASN B 347 15.22 -14.38 -22.64
N THR B 348 16.03 -14.42 -23.71
CA THR B 348 17.45 -14.67 -23.58
C THR B 348 18.06 -13.47 -22.86
N PRO B 349 18.81 -13.68 -21.77
CA PRO B 349 19.48 -12.59 -21.05
C PRO B 349 20.38 -11.71 -21.93
N ARG B 350 20.24 -10.38 -21.77
CA ARG B 350 21.30 -9.42 -22.12
C ARG B 350 22.58 -9.71 -21.33
N GLN B 351 23.74 -9.51 -21.97
CA GLN B 351 25.05 -9.77 -21.38
C GLN B 351 25.81 -8.45 -21.20
N PHE B 352 26.35 -8.24 -19.98
CA PHE B 352 27.28 -7.12 -19.74
C PHE B 352 28.53 -7.65 -19.05
N ARG B 353 29.69 -7.28 -19.61
CA ARG B 353 31.00 -7.75 -19.17
C ARG B 353 31.77 -6.61 -18.51
N PHE B 354 32.05 -6.78 -17.21
CA PHE B 354 32.69 -5.75 -16.40
C PHE B 354 34.19 -6.02 -16.37
N GLY B 355 34.96 -5.15 -17.05
CA GLY B 355 36.37 -5.41 -17.29
C GLY B 355 37.18 -4.15 -17.50
N ARG B 356 38.37 -4.34 -18.11
CA ARG B 356 39.33 -3.27 -18.38
CA ARG B 356 39.30 -3.27 -18.38
C ARG B 356 39.54 -3.21 -19.89
N THR B 357 39.44 -2.00 -20.46
CA THR B 357 39.82 -1.71 -21.83
C THR B 357 41.00 -0.75 -21.73
N GLY B 358 42.21 -1.31 -21.87
CA GLY B 358 43.44 -0.62 -21.55
C GLY B 358 43.48 -0.21 -20.08
N PRO B 359 43.60 1.10 -19.78
CA PRO B 359 43.65 1.56 -18.39
C PRO B 359 42.28 1.96 -17.81
N THR B 360 41.19 1.74 -18.56
CA THR B 360 39.86 2.23 -18.21
C THR B 360 38.97 1.04 -17.82
N TRP B 361 38.20 1.19 -16.75
CA TRP B 361 37.18 0.20 -16.37
C TRP B 361 35.97 0.39 -17.31
N THR B 362 35.50 -0.71 -17.89
CA THR B 362 34.52 -0.64 -18.99
C THR B 362 33.41 -1.68 -18.81
N ILE B 363 32.24 -1.32 -19.31
CA ILE B 363 31.13 -2.22 -19.57
C ILE B 363 31.10 -2.51 -21.07
N ASN B 364 31.15 -3.80 -21.44
CA ASN B 364 31.20 -4.26 -22.85
C ASN B 364 32.20 -3.44 -23.69
N GLY B 365 33.38 -3.10 -23.12
CA GLY B 365 34.46 -2.39 -23.83
C GLY B 365 34.28 -0.86 -23.93
N VAL B 366 33.23 -0.35 -23.27
CA VAL B 366 32.77 1.03 -23.44
C VAL B 366 32.91 1.75 -22.09
N ALA B 367 33.29 3.04 -22.17
CA ALA B 367 33.38 3.95 -21.04
C ALA B 367 32.21 4.94 -21.08
N PHE B 368 31.75 5.36 -19.92
CA PHE B 368 30.61 6.24 -19.82
C PHE B 368 30.83 7.51 -20.66
N ALA B 369 32.05 8.04 -20.61
CA ALA B 369 32.40 9.31 -21.27
C ALA B 369 32.17 9.25 -22.78
N ASP B 370 32.15 8.02 -23.33
CA ASP B 370 31.87 7.74 -24.72
C ASP B 370 30.35 7.74 -24.97
N VAL B 371 29.80 8.95 -24.94
CA VAL B 371 28.41 9.28 -25.14
C VAL B 371 27.78 8.45 -26.25
N GLN B 372 28.49 8.35 -27.38
CA GLN B 372 28.06 7.66 -28.63
C GLN B 372 27.76 6.16 -28.42
N ASN B 373 28.45 5.50 -27.49
CA ASN B 373 28.36 4.06 -27.38
C ASN B 373 27.73 3.65 -26.04
N ARG B 374 27.63 4.57 -25.08
CA ARG B 374 27.36 4.24 -23.67
C ARG B 374 25.94 3.73 -23.44
N LEU B 375 24.98 4.12 -24.29
CA LEU B 375 23.64 3.61 -24.17
C LEU B 375 23.63 2.17 -24.70
N LEU B 376 23.57 1.21 -23.77
CA LEU B 376 23.81 -0.22 -24.06
C LEU B 376 22.47 -0.99 -24.20
N ALA B 377 21.34 -0.44 -23.74
CA ALA B 377 20.05 -1.13 -23.82
C ALA B 377 18.90 -0.13 -23.93
N ASN B 378 17.90 -0.49 -24.76
CA ASN B 378 16.59 0.14 -24.87
C ASN B 378 15.53 -0.85 -24.36
N VAL B 379 14.77 -0.46 -23.33
CA VAL B 379 13.86 -1.39 -22.65
C VAL B 379 12.48 -0.76 -22.52
N PRO B 380 11.45 -1.26 -23.24
CA PRO B 380 10.08 -0.77 -23.11
C PRO B 380 9.56 -0.78 -21.67
N VAL B 381 9.06 0.37 -21.21
CA VAL B 381 8.45 0.45 -19.90
C VAL B 381 7.40 -0.66 -19.80
N GLY B 382 7.52 -1.49 -18.76
CA GLY B 382 6.62 -2.61 -18.49
C GLY B 382 7.31 -3.96 -18.69
N THR B 383 8.39 -3.98 -19.48
CA THR B 383 9.13 -5.21 -19.86
C THR B 383 9.76 -5.81 -18.60
N VAL B 384 9.79 -7.14 -18.51
CA VAL B 384 10.68 -7.84 -17.59
C VAL B 384 11.89 -8.40 -18.38
N GLU B 385 13.11 -8.02 -17.97
CA GLU B 385 14.37 -8.48 -18.63
C GLU B 385 15.28 -9.17 -17.62
N ARG B 386 16.08 -10.13 -18.10
CA ARG B 386 17.21 -10.66 -17.34
C ARG B 386 18.51 -10.12 -17.93
N TRP B 387 19.37 -9.60 -17.03
CA TRP B 387 20.72 -9.19 -17.38
C TRP B 387 21.70 -10.16 -16.74
N GLU B 388 22.49 -10.85 -17.57
CA GLU B 388 23.66 -11.60 -17.15
C GLU B 388 24.83 -10.61 -16.98
N LEU B 389 25.27 -10.45 -15.74
CA LEU B 389 26.31 -9.53 -15.32
C LEU B 389 27.60 -10.33 -15.07
N ILE B 390 28.62 -10.08 -15.89
CA ILE B 390 29.74 -10.98 -16.01
C ILE B 390 31.00 -10.28 -15.50
N ASN B 391 31.65 -10.86 -14.49
CA ASN B 391 33.03 -10.57 -14.14
C ASN B 391 33.92 -11.76 -14.51
N ALA B 392 34.69 -11.61 -15.60
CA ALA B 392 35.62 -12.65 -16.04
C ALA B 392 36.92 -12.62 -15.21
N GLY B 393 37.15 -11.49 -14.52
CA GLY B 393 38.40 -11.21 -13.81
C GLY B 393 38.48 -11.87 -12.45
N ASN B 394 39.71 -12.19 -12.05
CA ASN B 394 40.07 -12.67 -10.74
C ASN B 394 40.70 -11.53 -9.92
N GLY B 395 41.17 -10.48 -10.62
CA GLY B 395 41.96 -9.40 -10.02
C GLY B 395 41.14 -8.16 -9.68
N TRP B 396 39.82 -8.25 -9.87
CA TRP B 396 38.90 -7.21 -9.47
C TRP B 396 37.53 -7.82 -9.15
N THR B 397 36.72 -7.08 -8.35
CA THR B 397 35.30 -7.43 -8.07
C THR B 397 34.46 -6.17 -8.23
N HIS B 398 33.16 -6.38 -8.52
CA HIS B 398 32.32 -5.30 -9.01
C HIS B 398 30.90 -5.43 -8.49
N PRO B 399 30.47 -4.57 -7.55
CA PRO B 399 29.06 -4.51 -7.16
C PRO B 399 28.27 -3.66 -8.16
N ILE B 400 27.41 -4.33 -8.93
CA ILE B 400 26.71 -3.70 -9.99
C ILE B 400 25.39 -3.17 -9.46
N HIS B 401 25.13 -1.93 -9.84
CA HIS B 401 23.97 -1.20 -9.43
C HIS B 401 23.16 -0.79 -10.67
N ILE B 402 21.86 -1.06 -10.65
CA ILE B 402 20.98 -0.62 -11.71
C ILE B 402 19.93 0.32 -11.11
N HIS B 403 19.93 1.56 -11.63
CA HIS B 403 18.97 2.59 -11.29
C HIS B 403 17.56 2.17 -11.72
N LEU B 404 16.57 2.90 -11.17
CA LEU B 404 15.12 2.81 -11.46
C LEU B 404 14.51 1.58 -10.78
N VAL B 405 15.16 0.43 -10.98
CA VAL B 405 14.56 -0.87 -10.73
C VAL B 405 14.93 -1.44 -9.35
N ASP B 406 14.04 -2.34 -8.92
CA ASP B 406 14.31 -3.42 -8.00
C ASP B 406 14.47 -4.71 -8.84
N PHE B 407 15.46 -5.56 -8.52
CA PHE B 407 15.64 -6.82 -9.25
C PHE B 407 15.67 -8.00 -8.29
N LYS B 408 15.45 -9.18 -8.86
CA LYS B 408 15.64 -10.42 -8.18
C LYS B 408 16.94 -11.08 -8.69
N VAL B 409 17.68 -11.67 -7.75
CA VAL B 409 18.88 -12.43 -8.06
C VAL B 409 18.48 -13.86 -8.43
N ILE B 410 18.72 -14.25 -9.69
CA ILE B 410 18.34 -15.56 -10.24
C ILE B 410 19.43 -16.58 -9.92
N SER B 411 20.69 -16.20 -10.14
CA SER B 411 21.81 -17.14 -10.10
C SER B 411 23.15 -16.41 -9.92
N ARG B 412 24.09 -17.13 -9.30
CA ARG B 412 25.50 -16.77 -9.27
C ARG B 412 26.36 -18.01 -9.56
N THR B 413 27.31 -17.87 -10.49
CA THR B 413 28.41 -18.83 -10.67
C THR B 413 29.75 -18.17 -10.26
N SER B 414 30.68 -19.01 -9.83
CA SER B 414 31.99 -18.60 -9.43
C SER B 414 33.01 -19.51 -10.10
N GLY B 415 33.89 -18.89 -10.88
CA GLY B 415 34.99 -19.58 -11.48
C GLY B 415 36.01 -20.06 -10.47
N ASN B 416 35.84 -19.71 -9.17
CA ASN B 416 36.64 -20.23 -8.04
C ASN B 416 35.77 -21.11 -7.13
N ASN B 417 34.61 -21.52 -7.64
CA ASN B 417 33.67 -22.45 -6.97
C ASN B 417 33.39 -21.98 -5.54
N ALA B 418 33.29 -20.67 -5.35
CA ALA B 418 33.30 -20.02 -4.02
C ALA B 418 31.89 -19.90 -3.41
N ARG B 419 30.85 -19.73 -4.24
CA ARG B 419 29.49 -19.54 -3.74
C ARG B 419 28.51 -19.44 -4.92
N THR B 420 27.23 -19.54 -4.59
CA THR B 420 26.10 -19.21 -5.46
C THR B 420 25.30 -18.10 -4.75
N VAL B 421 23.97 -18.20 -4.74
CA VAL B 421 23.13 -17.11 -4.21
C VAL B 421 23.15 -17.24 -2.69
N MET B 422 23.21 -16.12 -1.99
CA MET B 422 23.15 -16.13 -0.54
C MET B 422 21.68 -15.99 -0.12
N PRO B 423 21.27 -16.51 1.07
CA PRO B 423 19.90 -16.39 1.55
C PRO B 423 19.36 -14.96 1.76
N TYR B 424 20.22 -14.01 2.14
CA TYR B 424 19.86 -12.57 2.27
C TYR B 424 19.71 -11.90 0.88
N GLU B 425 20.03 -12.61 -0.21
CA GLU B 425 19.73 -12.11 -1.57
C GLU B 425 18.43 -12.73 -2.12
N SER B 426 17.68 -13.44 -1.27
CA SER B 426 16.40 -14.12 -1.60
C SER B 426 15.29 -13.15 -2.04
N GLY B 427 15.41 -11.86 -1.68
CA GLY B 427 14.36 -10.87 -1.90
C GLY B 427 14.60 -10.06 -3.17
N LEU B 428 14.46 -8.73 -3.03
CA LEU B 428 14.64 -7.76 -4.07
C LEU B 428 15.78 -6.79 -3.68
N LYS B 429 16.67 -6.58 -4.64
CA LYS B 429 17.89 -5.80 -4.46
C LYS B 429 18.04 -4.80 -5.61
N ASP B 430 18.95 -3.83 -5.45
CA ASP B 430 19.33 -2.91 -6.53
C ASP B 430 20.85 -2.88 -6.76
N VAL B 431 21.64 -3.45 -5.84
CA VAL B 431 23.08 -3.72 -6.02
C VAL B 431 23.32 -5.22 -5.90
N VAL B 432 24.25 -5.78 -6.68
CA VAL B 432 24.64 -7.20 -6.48
C VAL B 432 26.14 -7.34 -6.71
N TRP B 433 26.80 -8.12 -5.86
CA TRP B 433 28.25 -8.19 -5.87
C TRP B 433 28.73 -9.29 -6.84
N LEU B 434 29.43 -8.87 -7.90
CA LEU B 434 30.22 -9.78 -8.71
C LEU B 434 31.58 -9.95 -8.04
N GLY B 435 31.72 -11.00 -7.23
CA GLY B 435 33.01 -11.40 -6.65
C GLY B 435 33.98 -11.88 -7.72
N ARG B 436 35.14 -12.39 -7.31
N ARG B 436 35.14 -12.39 -7.31
CA ARG B 436 36.15 -12.94 -8.22
CA ARG B 436 36.15 -12.95 -8.21
C ARG B 436 35.49 -13.99 -9.12
C ARG B 436 35.48 -13.99 -9.13
N ARG B 437 35.65 -13.80 -10.44
CA ARG B 437 35.14 -14.71 -11.48
C ARG B 437 33.64 -15.02 -11.31
N GLU B 438 32.83 -14.02 -10.94
CA GLU B 438 31.41 -14.26 -10.76
C GLU B 438 30.61 -13.62 -11.90
N THR B 439 29.64 -14.42 -12.36
CA THR B 439 28.58 -14.04 -13.25
C THR B 439 27.26 -14.17 -12.47
N VAL B 440 26.47 -13.10 -12.46
CA VAL B 440 25.17 -13.09 -11.82
C VAL B 440 24.12 -12.66 -12.86
N VAL B 441 23.01 -13.40 -12.88
CA VAL B 441 21.87 -13.06 -13.65
C VAL B 441 20.88 -12.42 -12.69
N VAL B 442 20.36 -11.26 -13.08
CA VAL B 442 19.30 -10.58 -12.34
C VAL B 442 18.09 -10.41 -13.25
N GLU B 443 16.93 -10.22 -12.61
CA GLU B 443 15.64 -10.11 -13.28
C GLU B 443 14.88 -8.90 -12.70
N ALA B 444 14.55 -7.93 -13.55
CA ALA B 444 13.92 -6.69 -13.11
C ALA B 444 12.71 -6.37 -13.98
N HIS B 445 11.73 -5.71 -13.35
CA HIS B 445 10.60 -5.05 -14.01
C HIS B 445 11.00 -3.60 -14.26
N TYR B 446 11.29 -3.30 -15.54
CA TYR B 446 11.71 -1.96 -15.96
C TYR B 446 10.44 -1.08 -16.03
N ALA B 447 10.14 -0.44 -14.89
CA ALA B 447 8.83 0.17 -14.59
C ALA B 447 8.90 0.93 -13.27
N PRO B 448 8.04 1.94 -13.08
CA PRO B 448 6.95 2.31 -13.97
C PRO B 448 7.16 3.53 -14.92
N PHE B 449 8.35 4.14 -14.90
CA PHE B 449 8.60 5.45 -15.53
C PHE B 449 9.60 5.35 -16.68
N PRO B 450 9.33 6.00 -17.84
CA PRO B 450 10.32 6.08 -18.91
C PRO B 450 11.47 7.06 -18.65
N GLY B 451 12.60 6.84 -19.34
CA GLY B 451 13.73 7.74 -19.30
C GLY B 451 15.07 7.03 -19.29
N VAL B 452 16.13 7.84 -19.42
CA VAL B 452 17.50 7.40 -19.49
C VAL B 452 18.04 7.32 -18.05
N TYR B 453 18.53 6.13 -17.68
CA TYR B 453 19.06 5.84 -16.35
C TYR B 453 20.44 5.19 -16.46
N MET B 454 21.25 5.35 -15.40
CA MET B 454 22.62 4.81 -15.31
C MET B 454 22.59 3.37 -14.78
N PHE B 455 23.67 2.65 -15.05
CA PHE B 455 23.98 1.38 -14.39
C PHE B 455 25.50 1.23 -14.44
N HIS B 456 26.08 0.69 -13.37
CA HIS B 456 27.50 0.82 -13.15
C HIS B 456 27.95 -0.07 -11.99
N CYS B 457 29.26 -0.32 -11.96
CA CYS B 457 29.93 -0.77 -10.77
C CYS B 457 29.90 0.36 -9.73
N HIS B 458 29.74 -0.01 -8.44
CA HIS B 458 29.64 1.01 -7.35
C HIS B 458 30.92 1.10 -6.50
N ASN B 459 31.98 0.41 -6.93
CA ASN B 459 33.31 0.83 -6.59
C ASN B 459 33.51 2.20 -7.22
N LEU B 460 33.62 3.26 -6.40
CA LEU B 460 33.53 4.63 -6.90
C LEU B 460 34.78 4.99 -7.71
N ILE B 461 35.91 4.27 -7.45
CA ILE B 461 37.13 4.40 -8.24
C ILE B 461 36.87 3.85 -9.63
N HIS B 462 36.34 2.63 -9.71
CA HIS B 462 36.01 2.02 -10.99
C HIS B 462 34.98 2.88 -11.76
N GLU B 463 33.93 3.32 -11.04
CA GLU B 463 32.84 4.18 -11.55
C GLU B 463 33.41 5.45 -12.22
N ASP B 464 34.44 6.03 -11.58
CA ASP B 464 34.94 7.32 -12.03
C ASP B 464 35.70 7.18 -13.38
N HIS B 465 36.47 6.09 -13.58
CA HIS B 465 37.23 5.88 -14.84
C HIS B 465 37.17 4.43 -15.32
N ASP B 466 36.07 3.98 -15.96
CA ASP B 466 34.85 4.74 -16.20
C ASP B 466 33.68 3.76 -16.40
N MET B 467 33.43 2.94 -15.37
CA MET B 467 32.67 1.70 -15.48
C MET B 467 31.18 1.95 -15.23
N MET B 468 30.57 2.67 -16.16
CA MET B 468 29.23 3.15 -16.06
C MET B 468 28.67 3.27 -17.48
N ALA B 469 27.36 3.04 -17.60
CA ALA B 469 26.68 2.98 -18.88
C ALA B 469 25.23 3.44 -18.67
N ALA B 470 24.39 3.34 -19.71
CA ALA B 470 23.02 3.80 -19.57
C ALA B 470 22.07 2.85 -20.29
N PHE B 471 20.81 2.89 -19.83
CA PHE B 471 19.70 2.27 -20.54
C PHE B 471 18.59 3.31 -20.69
N ASN B 472 17.77 3.12 -21.71
CA ASN B 472 16.61 3.95 -21.94
C ASN B 472 15.36 3.08 -21.79
N ALA B 473 14.55 3.42 -20.79
CA ALA B 473 13.25 2.80 -20.59
C ALA B 473 12.23 3.54 -21.47
N THR B 474 11.93 2.93 -22.62
CA THR B 474 11.29 3.63 -23.73
C THR B 474 9.78 3.43 -23.68
N VAL B 475 9.06 4.48 -24.11
CA VAL B 475 7.62 4.46 -24.38
C VAL B 475 7.39 4.97 -25.80
N LEU B 476 6.24 4.53 -26.35
CA LEU B 476 5.72 4.99 -27.64
C LEU B 476 5.18 6.41 -27.47
N PRO B 477 4.99 7.18 -28.57
CA PRO B 477 4.73 8.62 -28.47
C PRO B 477 3.37 9.04 -27.88
N ASP B 478 2.39 8.15 -27.99
CA ASP B 478 1.01 8.37 -27.55
C ASP B 478 0.84 7.89 -26.10
N TYR B 479 1.95 7.82 -25.34
CA TYR B 479 1.96 7.31 -23.97
C TYR B 479 1.47 8.41 -23.02
N GLY B 480 1.92 9.65 -23.28
CA GLY B 480 1.51 10.82 -22.53
C GLY B 480 2.28 10.94 -21.21
N TYR B 481 1.53 11.13 -20.11
CA TYR B 481 2.04 11.21 -18.73
C TYR B 481 3.16 12.26 -18.58
N ASN B 482 3.23 13.20 -19.53
CA ASN B 482 4.23 14.27 -19.63
C ASN B 482 5.63 13.67 -19.83
N ALA B 483 5.68 12.49 -20.46
CA ALA B 483 6.90 11.75 -20.66
C ALA B 483 7.96 12.60 -21.41
N THR B 484 7.52 13.58 -22.22
CA THR B 484 8.44 14.31 -23.11
C THR B 484 9.34 15.28 -22.33
N VAL B 485 8.90 15.74 -21.13
CA VAL B 485 9.76 16.57 -20.23
C VAL B 485 10.37 15.74 -19.08
N PHE B 486 10.29 14.40 -19.14
CA PHE B 486 10.80 13.61 -18.01
C PHE B 486 11.78 12.51 -18.42
N VAL B 487 12.05 12.30 -19.73
CA VAL B 487 12.91 11.15 -20.22
C VAL B 487 14.38 11.58 -20.46
N ASP B 488 14.61 12.87 -20.76
CA ASP B 488 15.94 13.51 -20.76
C ASP B 488 16.28 13.96 -19.33
N PRO B 489 17.31 13.40 -18.65
CA PRO B 489 17.72 13.87 -17.33
C PRO B 489 18.27 15.31 -17.31
N MET B 490 18.68 15.81 -18.49
CA MET B 490 19.27 17.13 -18.67
C MET B 490 18.21 18.19 -19.06
N GLU B 491 16.92 17.82 -19.03
CA GLU B 491 15.81 18.78 -19.30
C GLU B 491 16.04 20.06 -18.49
N GLU B 492 15.90 21.23 -19.15
CA GLU B 492 16.30 22.52 -18.51
C GLU B 492 15.28 22.94 -17.45
N LEU B 493 14.02 22.50 -17.54
CA LEU B 493 13.02 22.78 -16.48
C LEU B 493 13.57 22.38 -15.10
N TRP B 494 14.24 21.22 -15.03
CA TRP B 494 14.70 20.63 -13.73
C TRP B 494 16.17 20.96 -13.44
N GLN B 495 16.84 21.63 -14.40
CA GLN B 495 18.28 21.99 -14.28
C GLN B 495 18.53 22.92 -13.09
N ALA B 496 19.76 22.88 -12.57
CA ALA B 496 20.15 23.70 -11.42
C ALA B 496 20.13 25.19 -11.81
N ARG B 497 19.99 26.05 -10.80
CA ARG B 497 19.85 27.49 -10.94
C ARG B 497 20.86 28.17 -10.01
N PRO B 498 21.47 29.32 -10.38
CA PRO B 498 22.29 30.08 -9.45
C PRO B 498 21.46 30.79 -8.37
N TYR B 499 22.16 31.10 -7.25
CA TYR B 499 21.64 31.74 -6.05
C TYR B 499 22.72 32.68 -5.48
N GLU B 500 22.31 33.81 -4.89
CA GLU B 500 23.17 34.66 -4.03
C GLU B 500 23.09 34.12 -2.59
N LEU B 501 24.23 34.04 -1.91
CA LEU B 501 24.29 33.41 -0.58
C LEU B 501 23.36 34.11 0.42
N GLY B 502 23.35 35.46 0.41
CA GLY B 502 22.55 36.34 1.28
C GLY B 502 21.06 36.00 1.28
N GLU B 503 20.51 35.74 0.08
CA GLU B 503 19.12 35.24 -0.13
C GLU B 503 18.86 33.98 0.74
N PHE B 504 19.84 33.06 0.77
CA PHE B 504 19.69 31.77 1.44
C PHE B 504 19.78 31.95 2.98
N GLN B 505 20.72 32.77 3.47
CA GLN B 505 20.85 33.05 4.91
C GLN B 505 19.57 33.73 5.44
N ALA B 506 18.96 34.58 4.60
CA ALA B 506 17.78 35.44 4.93
C ALA B 506 16.45 34.83 4.43
N GLN B 507 16.51 33.69 3.73
CA GLN B 507 15.31 32.94 3.33
C GLN B 507 14.38 33.88 2.56
N SER B 508 14.92 34.51 1.51
CA SER B 508 14.26 35.59 0.76
C SER B 508 14.56 35.44 -0.73
N GLY B 509 13.82 36.17 -1.57
CA GLY B 509 13.87 36.01 -3.02
C GLY B 509 13.44 34.61 -3.45
N GLN B 510 14.40 33.82 -3.94
CA GLN B 510 14.21 32.43 -4.39
C GLN B 510 13.91 31.50 -3.20
N PHE B 511 14.28 31.92 -1.98
CA PHE B 511 14.10 31.13 -0.76
C PHE B 511 12.90 31.62 0.05
N SER B 512 12.25 32.72 -0.37
CA SER B 512 11.04 33.24 0.27
C SER B 512 9.98 32.12 0.32
N VAL B 513 9.21 32.08 1.41
CA VAL B 513 8.19 31.06 1.64
C VAL B 513 7.27 31.05 0.41
N GLN B 514 7.01 32.23 -0.16
CA GLN B 514 6.09 32.34 -1.27
C GLN B 514 6.71 31.76 -2.55
N ALA B 515 8.00 32.04 -2.79
CA ALA B 515 8.72 31.68 -4.04
C ALA B 515 8.94 30.16 -4.12
N VAL B 516 9.25 29.55 -2.96
CA VAL B 516 9.34 28.11 -2.80
C VAL B 516 7.99 27.47 -3.17
N THR B 517 6.92 27.89 -2.48
CA THR B 517 5.56 27.36 -2.69
C THR B 517 5.20 27.32 -4.18
N GLU B 518 5.45 28.45 -4.87
N GLU B 518 5.42 28.47 -4.85
CA GLU B 518 5.08 28.62 -6.27
CA GLU B 518 5.15 28.69 -6.28
C GLU B 518 5.94 27.68 -7.15
C GLU B 518 5.94 27.68 -7.12
N ARG B 519 7.23 27.52 -6.79
CA ARG B 519 8.13 26.62 -7.52
C ARG B 519 7.61 25.17 -7.40
N ILE B 520 7.29 24.75 -6.17
CA ILE B 520 6.86 23.37 -5.92
C ILE B 520 5.52 23.12 -6.62
N GLN B 521 4.61 24.11 -6.54
CA GLN B 521 3.29 24.00 -7.16
C GLN B 521 3.43 23.86 -8.68
N THR B 522 4.34 24.65 -9.28
CA THR B 522 4.60 24.58 -10.73
C THR B 522 5.11 23.17 -11.11
N MET B 523 6.01 22.63 -10.28
CA MET B 523 6.61 21.33 -10.51
C MET B 523 5.54 20.23 -10.39
N ALA B 524 4.75 20.29 -9.31
CA ALA B 524 3.72 19.29 -8.97
C ALA B 524 2.73 19.09 -10.14
N GLU B 525 2.42 20.19 -10.83
CA GLU B 525 1.40 20.22 -11.88
C GLU B 525 1.85 19.47 -13.14
N TYR B 526 3.18 19.27 -13.30
CA TYR B 526 3.70 18.43 -14.41
C TYR B 526 3.41 16.94 -14.13
N ARG B 527 3.13 16.59 -12.86
CA ARG B 527 2.66 15.24 -12.43
C ARG B 527 3.72 14.17 -12.73
N PRO B 528 4.90 14.23 -12.09
CA PRO B 528 6.02 13.37 -12.48
C PRO B 528 5.85 11.90 -12.09
N TYR B 529 5.10 11.62 -11.02
CA TYR B 529 5.02 10.27 -10.43
C TYR B 529 3.60 9.68 -10.54
N ALA B 530 2.88 10.07 -11.59
CA ALA B 530 1.45 9.74 -11.80
C ALA B 530 1.28 8.26 -12.16
N ALA B 531 2.24 7.68 -12.87
CA ALA B 531 2.12 6.33 -13.43
C ALA B 531 2.37 5.25 -12.37
N ALA B 532 2.75 5.65 -11.14
CA ALA B 532 2.92 4.74 -9.99
C ALA B 532 1.67 4.74 -9.08
N ASP B 533 0.78 5.71 -9.32
CA ASP B 533 -0.43 5.95 -8.53
C ASP B 533 -1.42 4.81 -8.76
C1 NAG C . -11.17 -10.47 -21.27
C2 NAG C . -11.54 -11.39 -22.39
C3 NAG C . -10.57 -12.57 -22.42
C4 NAG C . -9.14 -12.07 -22.59
C5 NAG C . -8.86 -11.07 -21.47
C6 NAG C . -7.45 -10.46 -21.54
C7 NAG C . -13.95 -11.57 -22.83
C8 NAG C . -15.23 -12.22 -22.39
N2 NAG C . -12.87 -11.87 -22.10
O3 NAG C . -10.86 -13.48 -23.48
O4 NAG C . -8.34 -13.27 -22.50
O5 NAG C . -9.85 -10.03 -21.53
O6 NAG C . -7.10 -9.80 -20.29
O7 NAG C . -13.90 -10.83 -23.80
C1 NAG C . -7.38 -13.37 -23.55
C2 NAG C . -6.34 -14.39 -23.12
C3 NAG C . -5.35 -14.64 -24.24
C4 NAG C . -6.11 -15.14 -25.48
C5 NAG C . -7.19 -14.13 -25.87
C6 NAG C . -8.12 -14.72 -26.94
C7 NAG C . -5.80 -14.50 -20.72
C8 NAG C . -4.93 -13.92 -19.64
N2 NAG C . -5.63 -13.94 -21.92
O3 NAG C . -4.38 -15.63 -23.85
O4 NAG C . -5.18 -15.39 -26.57
O5 NAG C . -8.03 -13.80 -24.75
O6 NAG C . -8.66 -15.98 -26.49
O7 NAG C . -6.59 -15.40 -20.52
C1 BMA C . -5.35 -16.73 -27.06
C2 BMA C . -4.88 -16.78 -28.49
C3 BMA C . -5.34 -18.11 -29.14
C4 BMA C . -5.43 -19.31 -28.16
C5 BMA C . -5.07 -19.06 -26.66
C6 BMA C . -4.07 -20.09 -26.08
O2 BMA C . -3.45 -16.56 -28.43
O3 BMA C . -4.49 -18.48 -30.25
O4 BMA C . -6.77 -19.84 -28.21
O5 BMA C . -4.59 -17.71 -26.38
O6 BMA C . -2.82 -19.43 -25.79
C1 MAN C . -4.92 -17.99 -31.56
C2 MAN C . -3.89 -18.40 -32.64
C3 MAN C . -2.65 -17.48 -32.58
C4 MAN C . -3.04 -16.01 -32.78
C5 MAN C . -4.10 -15.60 -31.72
C6 MAN C . -4.70 -14.19 -31.89
O2 MAN C . -4.46 -18.41 -33.97
O3 MAN C . -1.66 -17.92 -33.53
O4 MAN C . -1.88 -15.17 -32.68
O5 MAN C . -5.20 -16.57 -31.63
O6 MAN C . -4.00 -13.39 -32.86
C1 MAN C . -1.80 -20.24 -25.11
C2 MAN C . -0.45 -19.49 -25.16
C3 MAN C . 0.18 -19.53 -26.56
C4 MAN C . 0.23 -20.99 -27.03
C5 MAN C . -1.19 -21.58 -26.98
C6 MAN C . -1.34 -22.99 -27.56
O2 MAN C . 0.51 -20.05 -24.26
O3 MAN C . 1.48 -18.89 -26.55
O4 MAN C . 0.73 -21.06 -28.37
O5 MAN C . -1.69 -21.57 -25.62
O6 MAN C . -2.73 -23.32 -27.56
C1 NAG D . 0.40 -20.33 -11.18
C2 NAG D . 1.61 -19.98 -10.34
C3 NAG D . 2.50 -21.20 -10.20
C4 NAG D . 1.72 -22.43 -9.73
C5 NAG D . 0.41 -22.63 -10.51
C6 NAG D . -0.47 -23.79 -10.00
C7 NAG D . 2.32 -17.64 -10.48
C8 NAG D . 3.20 -16.66 -11.21
N2 NAG D . 2.38 -18.89 -10.91
O3 NAG D . 3.54 -20.83 -9.28
O4 NAG D . 2.53 -23.58 -9.96
O5 NAG D . -0.30 -21.39 -10.52
O6 NAG D . -0.82 -23.78 -8.59
O7 NAG D . 1.61 -17.29 -9.55
C1 NAG D . 2.60 -24.37 -8.78
C2 NAG D . 3.01 -25.77 -9.20
C3 NAG D . 3.26 -26.64 -7.98
C4 NAG D . 4.17 -25.96 -6.96
C5 NAG D . 3.61 -24.56 -6.63
C6 NAG D . 4.45 -23.78 -5.62
C7 NAG D . 2.21 -26.55 -11.38
C8 NAG D . 1.10 -27.22 -12.14
N2 NAG D . 2.00 -26.38 -10.07
O3 NAG D . 3.85 -27.83 -8.46
O4 NAG D . 4.26 -26.75 -5.76
O5 NAG D . 3.52 -23.80 -7.85
O6 NAG D . 3.56 -22.89 -4.95
O7 NAG D . 3.24 -26.17 -11.95
C1 BMA D . 5.07 -27.93 -5.97
C2 BMA D . 6.55 -27.59 -5.83
C3 BMA D . 7.32 -28.80 -6.34
C4 BMA D . 6.84 -30.11 -5.71
C5 BMA D . 5.31 -30.25 -5.59
C6 BMA D . 4.90 -31.41 -4.68
O2 BMA D . 6.87 -27.26 -4.46
O3 BMA D . 8.72 -28.58 -6.10
O4 BMA D . 7.33 -31.18 -6.53
O5 BMA D . 4.72 -29.02 -5.12
O6 BMA D . 4.07 -32.34 -5.37
C1 NAG E . 14.83 7.42 -25.02
C2 NAG E . 15.49 8.22 -26.14
C3 NAG E . 14.57 9.30 -26.72
C4 NAG E . 13.12 8.87 -26.89
C5 NAG E . 12.64 8.02 -25.69
C6 NAG E . 11.26 7.38 -25.82
C7 NAG E . 17.88 8.59 -25.86
C8 NAG E . 18.91 9.39 -25.13
N2 NAG E . 16.64 8.82 -25.50
O3 NAG E . 15.11 9.77 -27.95
O4 NAG E . 12.38 10.09 -26.96
O5 NAG E . 13.54 6.95 -25.43
O6 NAG E . 10.75 7.04 -24.51
O7 NAG E . 18.16 7.81 -26.75
C1 NAG E . 11.55 10.15 -28.12
C2 NAG E . 10.38 11.05 -27.79
C3 NAG E . 9.47 11.20 -28.99
C4 NAG E . 10.32 11.79 -30.12
C5 NAG E . 11.41 10.74 -30.41
C6 NAG E . 12.30 11.00 -31.63
C7 NAG E . 9.49 11.23 -25.59
C8 NAG E . 8.53 10.68 -24.59
N2 NAG E . 9.59 10.54 -26.71
O3 NAG E . 8.35 12.04 -28.66
O4 NAG E . 9.45 12.14 -31.22
O5 NAG E . 12.26 10.66 -29.26
O6 NAG E . 12.92 12.29 -31.55
O7 NAG E . 10.14 12.26 -25.41
C1 BMA E . 9.99 13.26 -31.94
C2 BMA E . 9.89 12.94 -33.42
C3 BMA E . 10.85 13.93 -34.13
C4 BMA E . 10.74 15.39 -33.60
C5 BMA E . 10.31 15.57 -32.13
C6 BMA E . 9.79 16.99 -31.86
O2 BMA E . 8.50 12.96 -33.81
O3 BMA E . 10.86 13.88 -35.58
O4 BMA E . 12.03 16.01 -33.74
O5 BMA E . 9.40 14.54 -31.70
O6 BMA E . 8.40 17.17 -32.21
C1 MAN E . 9.66 13.62 -36.35
C2 MAN E . 9.44 12.10 -36.55
C3 MAN E . 10.31 11.50 -37.69
C4 MAN E . 10.43 12.42 -38.92
C5 MAN E . 10.77 13.84 -38.47
C6 MAN E . 11.01 14.84 -39.61
O2 MAN E . 8.04 11.82 -36.74
O3 MAN E . 9.79 10.20 -38.01
O4 MAN E . 11.44 11.94 -39.82
O5 MAN E . 9.70 14.29 -37.63
O6 MAN E . 12.23 15.56 -39.35
C1 NAG F . 1.80 18.16 -18.07
C2 NAG F . 0.48 17.85 -17.34
C3 NAG F . -0.52 18.98 -17.41
C4 NAG F . 0.14 20.33 -17.06
C5 NAG F . 1.50 20.52 -17.78
C6 NAG F . 2.28 21.74 -17.25
C7 NAG F . -0.06 15.41 -17.41
C8 NAG F . -0.57 14.31 -18.31
N2 NAG F . -0.12 16.64 -17.94
O3 NAG F . -1.60 18.66 -16.52
O4 NAG F . -0.77 21.37 -17.46
O5 NAG F . 2.36 19.39 -17.65
O6 NAG F . 2.56 21.72 -15.82
O7 NAG F . 0.40 15.19 -16.30
C1 NAG F . -1.01 22.36 -16.41
C2 NAG F . -1.42 23.69 -17.04
C3 NAG F . -1.72 24.68 -15.90
C4 NAG F . -2.79 24.13 -14.94
C5 NAG F . -2.32 22.78 -14.36
C6 NAG F . -3.38 22.12 -13.46
C7 NAG F . -0.38 23.94 -19.29
C8 NAG F . 0.68 24.64 -20.11
N2 NAG F . -0.41 24.23 -17.96
O3 NAG F . -2.19 25.91 -16.42
O4 NAG F . -3.13 25.12 -13.94
O5 NAG F . -1.99 21.90 -15.45
O6 NAG F . -2.83 21.35 -12.38
O7 NAG F . -1.16 23.18 -19.84
CU CU G . -32.21 1.40 -11.08
CU CU H . -22.87 -6.27 -8.19
CU CU I . -23.64 -5.04 -3.49
CU CU J . -19.82 -4.96 -5.57
N24 FC6 K . -39.24 9.93 -17.06
C24 FC6 K . -40.35 9.75 -16.90
FE2 FC6 K . -42.24 9.40 -16.69
C21 FC6 K . -42.22 8.44 -18.38
N25 FC6 K . -42.19 7.85 -19.37
C22 FC6 K . -41.87 7.73 -15.79
N22 FC6 K . -41.65 6.70 -15.29
C26 FC6 K . -42.60 11.06 -17.61
N21 FC6 K . -42.84 12.06 -18.14
C23 FC6 K . -42.27 10.33 -15.01
N23 FC6 K . -42.30 10.84 -13.98
C11 FC6 K . -44.14 9.08 -16.48
N11 FC6 K . -45.28 8.91 -16.34
N24 FC6 L . -52.20 -10.13 3.77
C24 FC6 L . -52.40 -11.26 3.67
FE2 FC6 L . -52.79 -13.15 3.48
C21 FC6 L . -53.80 -12.66 1.90
N25 FC6 L . -54.42 -12.35 0.95
C22 FC6 L . -51.24 -13.45 2.35
N22 FC6 L . -50.32 -13.64 1.67
C26 FC6 L . -54.34 -12.82 4.60
N21 FC6 L . -55.29 -12.62 5.22
C23 FC6 L . -51.79 -13.68 5.04
N23 FC6 L . -51.14 -14.01 5.94
C11 FC6 L . -53.30 -15.02 3.25
N11 FC6 L . -53.63 -16.13 3.11
N24 FC6 M . -26.81 -3.62 25.02
C24 FC6 M . -27.93 -3.55 25.33
FE2 FC6 M . -29.80 -3.54 25.85
C21 FC6 M . -30.14 -4.95 24.56
N25 FC6 M . -30.35 -5.82 23.84
C22 FC6 M . -29.37 -4.93 27.13
N22 FC6 M . -29.10 -5.76 27.88
C26 FC6 M . -30.21 -2.14 24.57
N21 FC6 M . -30.42 -1.30 23.81
C23 FC6 M . -29.43 -2.16 27.20
N23 FC6 M . -29.24 -1.35 28.01
C11 FC6 M . -31.66 -3.51 26.39
N11 FC6 M . -32.76 -3.50 26.73
N24 FC6 N . -7.58 17.30 -12.32
C24 FC6 N . -8.53 17.21 -11.67
FE2 FC6 N . -10.13 17.12 -10.59
C21 FC6 N . -11.25 17.13 -12.17
N25 FC6 N . -11.97 17.17 -13.09
C22 FC6 N . -10.00 15.17 -10.61
N22 FC6 N . -9.93 14.00 -10.58
C26 FC6 N . -10.22 19.06 -10.54
N21 FC6 N . -10.30 20.22 -10.54
C23 FC6 N . -9.05 17.16 -8.97
N23 FC6 N . -8.44 17.22 -7.98
C11 FC6 N . -11.73 17.07 -9.49
N11 FC6 N . -12.68 17.01 -8.82
C1 SIN O . 1.49 -13.69 -2.71
O1 SIN O . 1.23 -12.49 -2.51
O2 SIN O . 2.39 -14.08 -3.52
C2 SIN O . 0.69 -14.69 -1.93
C3 SIN O . -0.74 -14.21 -1.72
C4 SIN O . -1.59 -14.34 -2.97
O3 SIN O . -2.83 -14.27 -2.81
O4 SIN O . -1.05 -14.55 -4.09
C1 SIN P . -33.14 -7.95 7.35
O1 SIN P . -33.29 -9.21 7.48
O2 SIN P . -34.09 -7.15 7.44
C2 SIN P . -31.75 -7.36 7.09
C3 SIN P . -30.93 -8.18 6.06
C4 SIN P . -31.54 -8.46 4.66
O3 SIN P . -32.69 -8.08 4.24
O4 SIN P . -30.78 -9.15 3.93
C1 SIN Q . 7.28 -16.86 -5.27
O1 SIN Q . 6.89 -15.78 -5.75
O2 SIN Q . 8.00 -17.66 -5.91
C2 SIN Q . 6.82 -17.21 -3.87
C3 SIN Q . 7.53 -16.39 -2.78
C4 SIN Q . 8.83 -17.03 -2.30
O3 SIN Q . 9.20 -16.83 -1.12
O4 SIN Q . 9.49 -17.74 -3.10
NA NA R . -1.56 -25.71 -7.49
NA NA S . -22.33 -17.82 12.86
NA NA T . -32.79 -27.14 4.20
NA NA U . -20.97 18.48 24.91
NA NA V . -9.49 -1.49 -7.21
CL CL W . -27.81 -8.37 20.15
CU CU X . 34.18 -2.43 -10.29
CU CU Y . 24.38 5.25 -9.83
CU CU Z . 24.36 4.66 -4.98
CU CU AA . 20.98 4.24 -7.45
N24 FC6 BA . 47.78 -9.47 -13.39
C24 FC6 BA . 46.72 -9.94 -13.45
FE2 FC6 BA . 44.91 -10.63 -13.50
C21 FC6 BA . 44.76 -10.07 -15.33
N25 FC6 BA . 44.61 -9.74 -16.42
C22 FC6 BA . 45.57 -12.37 -14.03
N22 FC6 BA . 45.97 -13.40 -14.33
C26 FC6 BA . 44.29 -8.86 -12.95
N21 FC6 BA . 43.97 -7.78 -12.65
C23 FC6 BA . 45.03 -11.25 -11.67
N23 FC6 BA . 45.06 -11.59 -10.56
C11 FC6 BA . 43.09 -11.31 -13.59
N11 FC6 BA . 42.02 -11.72 -13.71
N24 FC6 CA . 53.74 17.13 5.32
C24 FC6 CA . 53.28 16.05 5.32
FE2 FC6 CA . 52.53 14.25 5.37
C21 FC6 CA . 51.28 14.70 3.97
N25 FC6 CA . 50.50 14.96 3.14
C22 FC6 CA . 53.82 13.65 4.06
N22 FC6 CA . 54.62 13.29 3.30
C26 FC6 CA . 51.25 14.88 6.70
N21 FC6 CA . 50.50 15.28 7.50
C23 FC6 CA . 53.78 13.77 6.80
N23 FC6 CA . 54.54 13.45 7.63
C11 FC6 CA . 51.78 12.47 5.44
N11 FC6 CA . 51.33 11.40 5.53
N24 FC6 DA . 28.77 6.94 26.36
C24 FC6 DA . 27.71 6.97 25.88
FE2 FC6 DA . 25.94 6.97 25.08
C21 FC6 DA . 26.54 8.19 23.69
N25 FC6 DA . 26.90 8.92 22.86
C22 FC6 DA . 26.47 5.41 24.02
N22 FC6 DA . 26.79 4.47 23.40
C26 FC6 DA . 25.37 8.51 26.13
N21 FC6 DA . 25.03 9.42 26.77
C23 FC6 DA . 25.30 5.77 26.48
N23 FC6 DA . 24.92 5.04 27.30
C11 FC6 DA . 24.15 6.94 24.30
N11 FC6 DA . 23.08 6.90 23.86
N24 FC6 EA . 14.53 -19.18 -13.27
C24 FC6 EA . 13.65 -18.94 -12.54
FE2 FC6 EA . 12.23 -18.56 -11.26
C21 FC6 EA . 10.93 -18.97 -12.61
N25 FC6 EA . 10.16 -19.24 -13.45
C22 FC6 EA . 12.19 -20.41 -10.69
N22 FC6 EA . 12.22 -21.54 -10.34
C26 FC6 EA . 12.22 -16.73 -11.82
N21 FC6 EA . 12.21 -15.64 -12.18
C23 FC6 EA . 13.58 -18.25 -9.91
N23 FC6 EA . 14.41 -18.09 -9.12
C11 FC6 EA . 10.88 -18.21 -9.95
N11 FC6 EA . 10.06 -18.03 -9.18
N24 FC6 FA . -1.98 16.88 -20.68
C24 FC6 FA . -1.72 16.06 -21.45
FE2 FC6 FA . -1.33 14.69 -22.76
C21 FC6 FA . -3.14 14.86 -23.44
N25 FC6 FA . -4.22 14.95 -23.87
C22 FC6 FA . -0.74 16.06 -24.01
N22 FC6 FA . -0.37 16.88 -24.74
C26 FC6 FA . -1.91 13.34 -21.51
N21 FC6 FA . -2.24 12.53 -20.76
C23 FC6 FA . 0.49 14.55 -22.12
N23 FC6 FA . 1.61 14.49 -21.79
C11 FC6 FA . -0.95 13.33 -24.07
N11 FC6 FA . -0.71 12.51 -24.85
C1 SIN GA . -0.63 12.42 -9.51
O1 SIN GA . -0.43 11.19 -9.22
O2 SIN GA . -1.38 12.77 -10.45
C2 SIN GA . 0.07 13.50 -8.69
C3 SIN GA . 1.35 12.98 -8.02
C4 SIN GA . 2.59 13.15 -8.90
O3 SIN GA . 3.69 13.29 -8.35
O4 SIN GA . 2.47 13.15 -10.14
C1 SIN HA . 31.00 9.31 3.90
O1 SIN HA . 30.41 9.68 2.85
O2 SIN HA . 32.23 8.99 3.85
C2 SIN HA . 30.13 9.28 5.19
C3 SIN HA . 30.80 8.76 6.47
C4 SIN HA . 32.20 9.34 6.77
O3 SIN HA . 33.13 8.52 6.93
O4 SIN HA . 32.40 10.59 6.87
NA NA IA . 2.86 23.51 -14.37
NA NA JA . 17.71 -15.26 24.99
NA NA KA . 4.66 -14.15 -1.17
C1 PGR LA . 45.36 3.50 -2.51
C2 PGR LA . 45.06 1.98 -2.20
C3 PGR LA . 46.33 1.09 -2.18
O1 PGR LA . 46.23 4.25 -1.63
O2 PGR LA . 44.21 1.69 -1.03
#